data_5SA5
#
_entry.id   5SA5
#
_cell.length_a   150.150
_cell.length_b   150.150
_cell.length_c   111.851
_cell.angle_alpha   90.000
_cell.angle_beta   90.000
_cell.angle_gamma   120.000
#
_symmetry.space_group_name_H-M   'P 63'
#
loop_
_entity.id
_entity.type
_entity.pdbx_description
1 polymer 'Uridylate-specific endoribonuclease'
2 non-polymer 'CITRIC ACID'
3 non-polymer 4-ethyl-2-(1H-imidazol-5-yl)-1,3-thiazole
4 water water
#
_entity_poly.entity_id   1
_entity_poly.type   'polypeptide(L)'
_entity_poly.pdbx_seq_one_letter_code
;GAMSLENVAFNVVNKGHFDGQQGEVPVSIINNTVYTKVDGVDVELFENKTTLPVNVAFELWAKRNIKPVPEVKILNNLGV
DIAANTVIWDYKRDAPAHISTIGVCSMTDIAKKPTETICAPLTVFFDGRVDGQVDLFRNARNGVLITEGSVKGLQPSVGP
KQASLNGVTLIGEAVKTQFNYYKKVDGVVQQLPETYFTQSRNLQEFKPRSQMEIDFLELAMDEFIERYKLEGYAFEHIVY
GDFSHSQLGGLHLLIGLAKRFKESPFELEDFIPMDSTVKNYFITDAQTGSSKCVCSVIDLLLDDFVEIIKSQDLSVVSKV
VKVTIDYTEISFMLWCKDGHVETFYPKLQ
;
_entity_poly.pdbx_strand_id   A,B
#
# COMPACT_ATOMS: atom_id res chain seq x y z
N ALA A 2 28.41 -18.35 -12.87
CA ALA A 2 29.17 -19.60 -12.90
C ALA A 2 28.25 -20.82 -12.95
N MET A 3 27.17 -20.70 -13.74
CA MET A 3 26.12 -21.71 -13.91
C MET A 3 26.54 -22.96 -14.70
N SER A 4 26.20 -24.12 -14.12
CA SER A 4 26.43 -25.43 -14.71
C SER A 4 25.38 -26.43 -14.28
N LEU A 5 25.23 -27.52 -15.04
CA LEU A 5 24.30 -28.58 -14.71
C LEU A 5 24.71 -29.23 -13.36
N GLU A 6 26.01 -29.45 -13.17
CA GLU A 6 26.60 -30.07 -12.00
C GLU A 6 26.50 -29.21 -10.74
N ASN A 7 26.52 -27.87 -10.91
CA ASN A 7 26.35 -26.95 -9.82
C ASN A 7 24.87 -26.86 -9.45
N VAL A 8 23.96 -26.89 -10.44
CA VAL A 8 22.51 -26.87 -10.16
C VAL A 8 22.16 -28.14 -9.36
N ALA A 9 22.71 -29.30 -9.77
CA ALA A 9 22.55 -30.59 -9.12
C ALA A 9 23.16 -30.64 -7.73
N PHE A 10 24.33 -30.00 -7.53
CA PHE A 10 24.96 -29.89 -6.23
C PHE A 10 24.04 -29.13 -5.27
N ASN A 11 23.47 -28.02 -5.75
CA ASN A 11 22.54 -27.22 -4.97
C ASN A 11 21.29 -28.00 -4.62
N VAL A 12 20.70 -28.74 -5.58
CA VAL A 12 19.51 -29.56 -5.29
C VAL A 12 19.80 -30.59 -4.20
N VAL A 13 20.91 -31.36 -4.36
CA VAL A 13 21.36 -32.40 -3.43
C VAL A 13 21.65 -31.87 -2.03
N ASN A 14 22.36 -30.75 -1.93
CA ASN A 14 22.78 -30.20 -0.65
C ASN A 14 21.88 -29.14 0.00
N LYS A 15 21.15 -28.37 -0.80
CA LYS A 15 20.30 -27.30 -0.28
C LYS A 15 18.81 -27.51 -0.48
N GLY A 16 18.40 -28.58 -1.15
CA GLY A 16 16.98 -28.83 -1.41
C GLY A 16 16.40 -28.09 -2.59
N HIS A 17 17.19 -27.20 -3.20
CA HIS A 17 16.83 -26.35 -4.33
C HIS A 17 18.08 -25.51 -4.69
N PHE A 18 18.00 -24.68 -5.74
CA PHE A 18 19.11 -23.83 -6.10
C PHE A 18 19.25 -22.71 -5.06
N ASP A 19 20.43 -22.62 -4.43
CA ASP A 19 20.71 -21.64 -3.40
C ASP A 19 22.01 -20.84 -3.67
N GLY A 20 22.52 -20.88 -4.90
CA GLY A 20 23.72 -20.15 -5.31
C GLY A 20 25.02 -20.62 -4.71
N GLN A 21 25.01 -21.78 -4.05
CA GLN A 21 26.17 -22.39 -3.38
C GLN A 21 27.14 -22.94 -4.39
N GLN A 22 28.44 -22.87 -4.09
CA GLN A 22 29.47 -23.40 -4.97
C GLN A 22 29.63 -24.90 -4.78
N GLY A 23 29.95 -25.60 -5.86
CA GLY A 23 30.17 -27.04 -5.79
C GLY A 23 29.55 -27.78 -6.96
N GLU A 24 30.01 -29.01 -7.19
CA GLU A 24 29.51 -29.84 -8.27
C GLU A 24 29.36 -31.27 -7.81
N VAL A 25 28.32 -31.95 -8.32
CA VAL A 25 28.08 -33.38 -8.11
C VAL A 25 28.05 -34.01 -9.51
N PRO A 26 28.51 -35.27 -9.66
CA PRO A 26 28.45 -35.92 -10.98
C PRO A 26 27.01 -36.17 -11.41
N VAL A 27 26.67 -35.79 -12.63
CA VAL A 27 25.32 -35.92 -13.14
C VAL A 27 25.28 -36.79 -14.38
N SER A 28 24.20 -37.53 -14.54
CA SER A 28 23.95 -38.28 -15.75
C SER A 28 22.51 -38.00 -16.23
N ILE A 29 22.35 -37.77 -17.53
CA ILE A 29 21.07 -37.50 -18.12
C ILE A 29 20.65 -38.65 -19.04
N ILE A 30 19.53 -39.28 -18.73
CA ILE A 30 19.02 -40.39 -19.52
C ILE A 30 17.56 -40.14 -19.75
N ASN A 31 17.03 -40.33 -20.97
N ASN A 31 17.38 -39.78 -21.02
CA ASN A 31 15.58 -40.18 -21.28
CA ASN A 31 16.23 -39.32 -21.76
C ASN A 31 14.67 -39.43 -20.23
C ASN A 31 15.73 -38.02 -21.12
N ASN A 32 14.77 -38.11 -20.25
CA ASN A 32 14.11 -37.04 -19.52
C ASN A 32 14.31 -37.08 -18.03
N THR A 33 15.33 -37.78 -17.56
CA THR A 33 15.57 -37.86 -16.13
C THR A 33 16.99 -37.41 -15.82
N VAL A 34 17.13 -36.68 -14.70
CA VAL A 34 18.42 -36.25 -14.23
C VAL A 34 18.76 -37.12 -13.03
N TYR A 35 19.90 -37.80 -13.07
CA TYR A 35 20.39 -38.63 -11.99
C TYR A 35 21.67 -38.05 -11.42
N THR A 36 22.01 -38.49 -10.22
CA THR A 36 23.27 -38.16 -9.59
C THR A 36 23.85 -39.42 -8.96
N LYS A 37 25.17 -39.54 -8.97
CA LYS A 37 25.85 -40.68 -8.39
C LYS A 37 25.94 -40.50 -6.86
N VAL A 38 25.32 -41.41 -6.10
CA VAL A 38 25.39 -41.34 -4.64
C VAL A 38 25.89 -42.68 -4.19
N ASP A 39 27.18 -42.74 -3.85
CA ASP A 39 27.86 -43.94 -3.40
C ASP A 39 27.80 -45.07 -4.43
N GLY A 40 28.17 -44.73 -5.66
CA GLY A 40 28.24 -45.70 -6.72
C GLY A 40 26.96 -46.01 -7.46
N VAL A 41 25.79 -45.57 -6.95
CA VAL A 41 24.52 -45.82 -7.64
C VAL A 41 23.80 -44.53 -8.02
N ASP A 42 23.15 -44.53 -9.19
CA ASP A 42 22.42 -43.38 -9.68
C ASP A 42 21.11 -43.18 -8.93
N VAL A 43 20.88 -41.97 -8.45
CA VAL A 43 19.69 -41.59 -7.71
C VAL A 43 18.98 -40.53 -8.52
N GLU A 44 17.69 -40.73 -8.79
CA GLU A 44 16.90 -39.76 -9.55
C GLU A 44 16.69 -38.45 -8.81
N LEU A 45 17.06 -37.33 -9.45
CA LEU A 45 16.87 -36.00 -8.89
C LEU A 45 15.68 -35.29 -9.52
N PHE A 46 15.37 -35.58 -10.79
CA PHE A 46 14.31 -34.88 -11.49
C PHE A 46 13.82 -35.62 -12.71
N GLU A 47 12.49 -35.67 -12.88
CA GLU A 47 11.92 -36.22 -14.10
C GLU A 47 11.24 -35.09 -14.84
N ASN A 48 11.69 -34.84 -16.05
CA ASN A 48 11.15 -33.79 -16.87
C ASN A 48 9.76 -34.12 -17.39
N LYS A 49 8.77 -33.34 -16.94
CA LYS A 49 7.38 -33.45 -17.40
C LYS A 49 7.00 -32.27 -18.32
N THR A 50 7.97 -31.42 -18.68
CA THR A 50 7.82 -30.22 -19.50
C THR A 50 8.14 -30.49 -20.98
N THR A 51 7.86 -29.51 -21.83
CA THR A 51 8.22 -29.52 -23.24
C THR A 51 9.61 -28.83 -23.49
N LEU A 52 10.34 -28.50 -22.41
CA LEU A 52 11.66 -27.90 -22.50
C LEU A 52 12.70 -29.03 -22.45
N PRO A 53 13.94 -28.80 -22.89
CA PRO A 53 14.99 -29.82 -22.71
C PRO A 53 15.18 -30.14 -21.22
N VAL A 54 15.46 -31.42 -20.90
CA VAL A 54 15.59 -31.97 -19.55
C VAL A 54 16.49 -31.15 -18.64
N ASN A 55 17.70 -30.76 -19.10
CA ASN A 55 18.63 -30.01 -18.28
C ASN A 55 18.17 -28.57 -18.03
N VAL A 56 17.44 -28.00 -18.99
CA VAL A 56 16.87 -26.67 -18.91
C VAL A 56 15.70 -26.69 -17.92
N ALA A 57 14.79 -27.67 -18.04
CA ALA A 57 13.66 -27.77 -17.11
C ALA A 57 14.13 -28.02 -15.68
N PHE A 58 15.24 -28.77 -15.50
CA PHE A 58 15.84 -29.11 -14.22
C PHE A 58 16.34 -27.85 -13.52
N GLU A 59 17.04 -27.00 -14.27
CA GLU A 59 17.55 -25.74 -13.75
C GLU A 59 16.43 -24.78 -13.37
N LEU A 60 15.35 -24.70 -14.17
CA LEU A 60 14.23 -23.83 -13.85
C LEU A 60 13.46 -24.34 -12.64
N TRP A 61 13.34 -25.65 -12.50
CA TRP A 61 12.71 -26.24 -11.34
C TRP A 61 13.56 -25.96 -10.09
N ALA A 62 14.89 -26.18 -10.17
CA ALA A 62 15.77 -25.87 -9.04
C ALA A 62 15.70 -24.41 -8.65
N LYS A 63 15.59 -23.51 -9.64
CA LYS A 63 15.53 -22.06 -9.45
C LYS A 63 14.12 -21.50 -9.22
N ARG A 64 13.16 -22.36 -8.87
CA ARG A 64 11.78 -22.00 -8.58
C ARG A 64 11.67 -21.14 -7.34
N ASN A 65 10.62 -20.33 -7.27
CA ASN A 65 10.35 -19.48 -6.14
C ASN A 65 9.81 -20.35 -4.99
N ILE A 66 10.56 -20.38 -3.88
CA ILE A 66 10.18 -21.14 -2.71
C ILE A 66 9.50 -20.26 -1.62
N LYS A 67 9.07 -19.04 -1.97
CA LYS A 67 8.33 -18.18 -1.05
C LYS A 67 6.86 -18.31 -1.43
N PRO A 68 5.88 -17.99 -0.55
CA PRO A 68 4.47 -18.07 -0.98
C PRO A 68 4.25 -17.13 -2.16
N VAL A 69 3.87 -17.66 -3.33
CA VAL A 69 3.66 -16.83 -4.52
C VAL A 69 2.21 -16.88 -4.96
N PRO A 70 1.71 -15.91 -5.77
CA PRO A 70 0.32 -16.00 -6.24
C PRO A 70 0.08 -17.30 -7.03
N GLU A 71 -1.14 -17.88 -6.93
CA GLU A 71 -1.46 -19.09 -7.66
C GLU A 71 -1.47 -18.80 -9.16
N VAL A 72 -1.00 -19.74 -9.98
CA VAL A 72 -0.87 -19.58 -11.43
C VAL A 72 -2.16 -19.06 -12.08
N LYS A 73 -3.36 -19.49 -11.62
CA LYS A 73 -4.63 -18.98 -12.15
C LYS A 73 -4.76 -17.45 -12.02
N ILE A 74 -4.37 -16.87 -10.85
CA ILE A 74 -4.39 -15.43 -10.61
C ILE A 74 -3.43 -14.71 -11.57
N LEU A 75 -2.23 -15.25 -11.75
CA LEU A 75 -1.22 -14.69 -12.63
C LEU A 75 -1.66 -14.70 -14.08
N ASN A 76 -2.35 -15.76 -14.49
CA ASN A 76 -2.85 -15.93 -15.85
C ASN A 76 -3.98 -14.97 -16.10
N ASN A 77 -4.90 -14.84 -15.12
CA ASN A 77 -6.06 -13.95 -15.16
C ASN A 77 -5.64 -12.49 -15.25
N LEU A 78 -4.51 -12.13 -14.61
CA LEU A 78 -3.91 -10.80 -14.65
C LEU A 78 -2.98 -10.57 -15.85
N GLY A 79 -2.91 -11.51 -16.77
CA GLY A 79 -2.14 -11.39 -17.99
C GLY A 79 -0.63 -11.44 -17.88
N VAL A 80 -0.09 -12.08 -16.82
CA VAL A 80 1.36 -12.19 -16.62
C VAL A 80 1.99 -13.09 -17.67
N ASP A 81 3.04 -12.59 -18.36
CA ASP A 81 3.76 -13.30 -19.41
C ASP A 81 5.07 -13.92 -18.93
N ILE A 82 5.74 -13.24 -18.01
CA ILE A 82 7.07 -13.61 -17.56
C ILE A 82 7.28 -13.06 -16.14
N ALA A 83 8.17 -13.68 -15.34
CA ALA A 83 8.47 -13.19 -14.00
C ALA A 83 9.83 -12.49 -14.00
N ALA A 84 10.00 -11.50 -13.12
CA ALA A 84 11.27 -10.79 -13.01
C ALA A 84 12.19 -11.49 -12.04
N ASN A 85 13.25 -12.10 -12.59
CA ASN A 85 14.36 -12.70 -11.86
C ASN A 85 13.96 -13.83 -10.90
N THR A 86 12.92 -14.57 -11.25
CA THR A 86 12.45 -15.73 -10.52
C THR A 86 11.75 -16.69 -11.48
N VAL A 87 11.43 -17.92 -11.01
CA VAL A 87 10.67 -18.88 -11.78
C VAL A 87 9.44 -19.21 -10.97
N ILE A 88 8.23 -18.95 -11.52
CA ILE A 88 7.01 -19.38 -10.86
C ILE A 88 6.77 -20.79 -11.37
N TRP A 89 6.92 -21.78 -10.48
CA TRP A 89 6.72 -23.17 -10.87
C TRP A 89 5.24 -23.53 -10.82
N ASP A 90 4.74 -24.08 -11.91
CA ASP A 90 3.36 -24.50 -12.01
C ASP A 90 3.30 -25.95 -11.56
N TYR A 91 2.89 -26.18 -10.31
CA TYR A 91 2.82 -27.51 -9.75
C TYR A 91 1.65 -28.34 -10.29
N LYS A 92 0.63 -27.69 -10.87
CA LYS A 92 -0.49 -28.38 -11.49
C LYS A 92 -0.08 -28.94 -12.87
N ARG A 93 0.89 -28.32 -13.54
CA ARG A 93 1.39 -28.80 -14.83
C ARG A 93 2.79 -29.42 -14.74
N ASP A 94 3.46 -29.38 -13.57
CA ASP A 94 4.84 -29.82 -13.40
C ASP A 94 5.76 -29.16 -14.41
N ALA A 95 5.58 -27.87 -14.60
CA ALA A 95 6.35 -27.11 -15.58
C ALA A 95 6.44 -25.68 -15.15
N PRO A 96 7.38 -24.90 -15.73
CA PRO A 96 7.41 -23.47 -15.41
C PRO A 96 6.09 -22.80 -15.85
N ALA A 97 5.58 -21.84 -15.08
CA ALA A 97 4.35 -21.16 -15.42
C ALA A 97 4.48 -20.29 -16.68
N HIS A 98 5.70 -19.85 -17.02
CA HIS A 98 6.01 -18.96 -18.13
C HIS A 98 7.12 -19.55 -18.98
N ILE A 99 7.06 -19.32 -20.30
CA ILE A 99 8.02 -19.87 -21.29
C ILE A 99 9.43 -19.37 -21.10
N SER A 100 9.58 -18.03 -21.01
CA SER A 100 10.87 -17.41 -20.90
C SER A 100 11.12 -16.90 -19.47
N THR A 101 12.38 -16.57 -19.19
CA THR A 101 12.79 -16.03 -17.91
C THR A 101 13.54 -14.68 -18.13
N ILE A 102 13.78 -13.96 -17.02
CA ILE A 102 14.57 -12.74 -17.02
C ILE A 102 15.57 -12.95 -15.89
N GLY A 103 16.85 -13.10 -16.22
CA GLY A 103 17.93 -13.29 -15.24
C GLY A 103 17.89 -14.57 -14.42
N VAL A 104 17.50 -15.68 -15.04
CA VAL A 104 17.38 -16.96 -14.36
C VAL A 104 18.23 -18.09 -15.00
N CYS A 105 18.03 -18.37 -16.28
CA CYS A 105 18.68 -19.47 -16.95
C CYS A 105 19.11 -18.98 -18.33
N SER A 106 20.37 -19.21 -18.71
CA SER A 106 20.88 -18.74 -20.02
C SER A 106 20.12 -19.26 -21.25
N MET A 107 19.51 -20.45 -21.13
CA MET A 107 18.76 -21.05 -22.20
C MET A 107 17.38 -20.43 -22.39
N THR A 108 16.72 -20.02 -21.28
CA THR A 108 15.36 -19.49 -21.38
C THR A 108 15.27 -17.96 -21.29
N ASP A 109 16.35 -17.30 -20.86
CA ASP A 109 16.41 -15.86 -20.70
C ASP A 109 16.25 -15.10 -21.97
N ILE A 110 15.33 -14.12 -21.97
CA ILE A 110 15.19 -13.18 -23.07
C ILE A 110 15.97 -11.87 -22.76
N ALA A 111 16.25 -11.63 -21.46
CA ALA A 111 16.93 -10.48 -20.88
C ALA A 111 17.55 -10.89 -19.54
N LYS A 112 18.50 -10.09 -19.03
CA LYS A 112 19.12 -10.28 -17.70
C LYS A 112 18.35 -9.46 -16.66
N LYS A 113 17.86 -8.26 -17.06
CA LYS A 113 17.12 -7.32 -16.21
C LYS A 113 15.80 -6.95 -16.88
N PRO A 114 14.70 -6.79 -16.11
CA PRO A 114 13.41 -6.48 -16.76
C PRO A 114 13.31 -5.07 -17.38
N THR A 115 14.37 -4.29 -17.28
CA THR A 115 14.50 -2.95 -17.84
C THR A 115 14.90 -2.98 -19.33
N GLU A 116 15.27 -4.16 -19.86
CA GLU A 116 15.65 -4.33 -21.26
C GLU A 116 14.42 -4.15 -22.16
N THR A 117 14.60 -3.56 -23.35
CA THR A 117 13.48 -3.23 -24.20
C THR A 117 12.66 -4.45 -24.66
N ILE A 118 13.24 -5.67 -24.63
CA ILE A 118 12.51 -6.89 -24.99
C ILE A 118 11.31 -7.15 -24.03
N CYS A 119 11.43 -6.73 -22.77
CA CYS A 119 10.43 -6.92 -21.73
C CYS A 119 9.34 -5.89 -21.73
N ALA A 120 9.58 -4.70 -22.36
CA ALA A 120 8.61 -3.62 -22.41
C ALA A 120 7.22 -4.05 -22.88
N PRO A 121 7.05 -4.79 -23.99
CA PRO A 121 5.69 -5.23 -24.37
C PRO A 121 5.08 -6.40 -23.57
N LEU A 122 5.87 -7.07 -22.71
CA LEU A 122 5.39 -8.21 -21.91
C LEU A 122 4.94 -7.79 -20.53
N THR A 123 3.88 -8.41 -19.98
CA THR A 123 3.48 -8.13 -18.59
C THR A 123 4.40 -8.91 -17.66
N VAL A 124 5.40 -8.21 -17.10
CA VAL A 124 6.38 -8.77 -16.19
C VAL A 124 5.81 -8.83 -14.78
N PHE A 125 6.02 -9.94 -14.07
CA PHE A 125 5.60 -10.08 -12.69
C PHE A 125 6.76 -9.59 -11.79
N PHE A 126 6.45 -8.71 -10.84
CA PHE A 126 7.39 -8.16 -9.90
C PHE A 126 6.94 -8.52 -8.48
N ASP A 127 7.92 -8.80 -7.63
CA ASP A 127 7.70 -9.18 -6.24
C ASP A 127 8.26 -8.11 -5.34
N GLY A 128 7.37 -7.32 -4.77
CA GLY A 128 7.69 -6.24 -3.87
C GLY A 128 8.48 -6.66 -2.67
N ARG A 129 8.46 -7.96 -2.31
CA ARG A 129 9.28 -8.50 -1.21
C ARG A 129 10.78 -8.56 -1.57
N VAL A 130 11.14 -8.45 -2.86
CA VAL A 130 12.52 -8.45 -3.34
C VAL A 130 12.94 -7.00 -3.58
N ASP A 131 14.11 -6.64 -3.08
CA ASP A 131 14.66 -5.32 -3.21
C ASP A 131 14.74 -4.81 -4.65
N GLY A 132 14.27 -3.57 -4.85
CA GLY A 132 14.26 -2.84 -6.10
C GLY A 132 13.16 -3.22 -7.08
N GLN A 133 12.30 -4.21 -6.75
CA GLN A 133 11.27 -4.65 -7.69
C GLN A 133 10.05 -3.73 -7.78
N VAL A 134 9.72 -2.99 -6.71
CA VAL A 134 8.63 -1.99 -6.79
C VAL A 134 9.06 -0.88 -7.79
N ASP A 135 10.35 -0.48 -7.77
CA ASP A 135 10.89 0.50 -8.70
C ASP A 135 10.93 -0.01 -10.11
N LEU A 136 11.21 -1.31 -10.28
CA LEU A 136 11.25 -1.92 -11.59
C LEU A 136 9.86 -1.95 -12.21
N PHE A 137 8.81 -2.11 -11.38
CA PHE A 137 7.42 -2.07 -11.81
C PHE A 137 7.09 -0.67 -12.29
N ARG A 138 7.48 0.35 -11.51
CA ARG A 138 7.26 1.75 -11.86
C ARG A 138 7.92 2.08 -13.19
N ASN A 139 9.06 1.48 -13.51
CA ASN A 139 9.75 1.73 -14.76
C ASN A 139 9.26 0.84 -15.92
N ALA A 140 8.56 -0.28 -15.62
CA ALA A 140 8.03 -1.23 -16.60
C ALA A 140 6.88 -0.67 -17.41
N ARG A 141 6.83 -0.95 -18.71
CA ARG A 141 5.71 -0.54 -19.53
C ARG A 141 4.50 -1.42 -19.17
N ASN A 142 4.71 -2.73 -19.01
CA ASN A 142 3.65 -3.64 -18.59
C ASN A 142 4.13 -4.44 -17.41
N GLY A 143 3.22 -4.78 -16.51
CA GLY A 143 3.58 -5.58 -15.35
C GLY A 143 2.50 -5.78 -14.31
N VAL A 144 2.74 -6.75 -13.42
CA VAL A 144 1.90 -7.08 -12.27
C VAL A 144 2.82 -7.07 -11.08
N LEU A 145 2.42 -6.40 -10.01
CA LEU A 145 3.24 -6.28 -8.82
C LEU A 145 2.48 -6.80 -7.62
N ILE A 146 3.15 -7.58 -6.78
CA ILE A 146 2.58 -8.01 -5.51
C ILE A 146 3.41 -7.39 -4.40
N THR A 147 2.75 -6.90 -3.35
CA THR A 147 3.44 -6.31 -2.21
C THR A 147 2.80 -6.79 -0.90
N GLU A 148 3.54 -6.66 0.20
CA GLU A 148 3.06 -6.99 1.52
C GLU A 148 2.43 -5.79 2.25
N GLY A 149 2.78 -4.57 1.86
CA GLY A 149 2.25 -3.34 2.44
C GLY A 149 1.89 -2.30 1.41
N SER A 150 1.81 -1.01 1.80
CA SER A 150 1.44 0.05 0.86
C SER A 150 2.62 0.61 0.07
N VAL A 151 2.37 0.94 -1.22
CA VAL A 151 3.35 1.56 -2.10
C VAL A 151 2.84 3.00 -2.27
N LYS A 152 3.62 4.02 -1.87
CA LYS A 152 3.15 5.40 -1.90
C LYS A 152 2.58 5.81 -3.27
N GLY A 153 1.33 6.28 -3.26
CA GLY A 153 0.70 6.70 -4.50
C GLY A 153 -0.08 5.64 -5.26
N LEU A 154 0.36 4.36 -5.19
CA LEU A 154 -0.30 3.26 -5.88
C LEU A 154 -1.55 2.71 -5.16
N GLN A 155 -2.68 2.74 -5.84
CA GLN A 155 -3.95 2.25 -5.29
C GLN A 155 -3.97 0.73 -5.34
N PRO A 156 -4.08 0.08 -4.18
CA PRO A 156 -3.95 -1.37 -4.15
C PRO A 156 -5.22 -2.16 -4.41
N SER A 157 -5.03 -3.41 -4.78
CA SER A 157 -6.10 -4.40 -4.89
C SER A 157 -5.77 -5.45 -3.85
N VAL A 158 -6.67 -5.70 -2.87
CA VAL A 158 -6.37 -6.76 -1.90
C VAL A 158 -6.63 -8.10 -2.60
N GLY A 159 -5.62 -8.94 -2.68
CA GLY A 159 -5.71 -10.23 -3.35
C GLY A 159 -6.32 -11.32 -2.50
N PRO A 160 -6.25 -12.57 -2.97
CA PRO A 160 -6.79 -13.69 -2.16
C PRO A 160 -6.01 -13.89 -0.87
N LYS A 161 -6.66 -14.49 0.13
CA LYS A 161 -6.01 -14.79 1.40
C LYS A 161 -4.89 -15.82 1.25
N GLN A 162 -5.05 -16.74 0.27
CA GLN A 162 -4.16 -17.84 0.01
C GLN A 162 -3.14 -17.59 -1.11
N ALA A 163 -1.99 -18.22 -0.96
CA ALA A 163 -0.92 -18.22 -1.94
C ALA A 163 -0.36 -19.68 -2.02
N SER A 164 0.49 -19.95 -2.99
CA SER A 164 1.10 -21.26 -3.17
C SER A 164 2.52 -21.27 -2.60
N LEU A 165 2.77 -22.07 -1.57
CA LEU A 165 4.11 -22.22 -1.03
C LEU A 165 4.60 -23.62 -1.40
N ASN A 166 5.46 -23.72 -2.43
CA ASN A 166 6.01 -25.00 -2.90
C ASN A 166 4.97 -25.97 -3.40
N GLY A 167 3.89 -25.45 -3.98
CA GLY A 167 2.82 -26.28 -4.48
C GLY A 167 1.71 -26.51 -3.49
N VAL A 168 1.88 -26.05 -2.25
CA VAL A 168 0.85 -26.18 -1.24
C VAL A 168 0.10 -24.86 -1.18
N THR A 169 -1.18 -24.88 -1.56
CA THR A 169 -2.00 -23.69 -1.45
C THR A 169 -2.45 -23.58 -0.01
N LEU A 170 -2.15 -22.44 0.61
CA LEU A 170 -2.46 -22.24 2.02
C LEU A 170 -2.69 -20.77 2.34
N ILE A 171 -3.40 -20.53 3.44
CA ILE A 171 -3.60 -19.20 3.99
C ILE A 171 -2.60 -19.15 5.13
N GLY A 172 -1.53 -18.39 4.92
CA GLY A 172 -0.40 -18.33 5.82
C GLY A 172 -0.66 -17.83 7.22
N GLU A 173 0.01 -18.46 8.18
CA GLU A 173 0.00 -18.11 9.59
C GLU A 173 1.41 -17.72 10.05
N ALA A 174 2.42 -18.45 9.57
CA ALA A 174 3.82 -18.17 9.85
C ALA A 174 4.46 -17.30 8.73
N VAL A 175 3.80 -17.19 7.56
CA VAL A 175 4.20 -16.41 6.40
C VAL A 175 3.00 -15.58 5.93
N LYS A 176 3.25 -14.53 5.16
CA LYS A 176 2.20 -13.70 4.60
C LYS A 176 1.82 -14.27 3.25
N THR A 177 0.53 -14.54 3.04
CA THR A 177 0.04 -15.06 1.75
C THR A 177 -0.94 -14.09 1.06
N GLN A 178 -1.49 -13.09 1.80
CA GLN A 178 -2.40 -12.11 1.20
C GLN A 178 -1.60 -10.91 0.73
N PHE A 179 -1.58 -10.65 -0.58
CA PHE A 179 -0.80 -9.56 -1.15
C PHE A 179 -1.69 -8.43 -1.67
N ASN A 180 -1.06 -7.28 -1.92
CA ASN A 180 -1.65 -6.16 -2.60
C ASN A 180 -1.28 -6.37 -4.05
N TYR A 181 -2.21 -6.13 -4.96
CA TYR A 181 -1.98 -6.36 -6.38
C TYR A 181 -1.98 -5.09 -7.15
N TYR A 182 -1.08 -4.98 -8.10
CA TYR A 182 -0.98 -3.80 -8.96
C TYR A 182 -0.75 -4.27 -10.38
N LYS A 183 -1.29 -3.57 -11.37
CA LYS A 183 -1.14 -3.93 -12.77
C LYS A 183 -0.91 -2.67 -13.60
N LYS A 184 -0.10 -2.76 -14.66
CA LYS A 184 0.21 -1.68 -15.57
C LYS A 184 0.04 -2.19 -16.98
N VAL A 185 -0.68 -1.44 -17.82
CA VAL A 185 -0.83 -1.76 -19.22
C VAL A 185 -0.40 -0.54 -19.98
N ASP A 186 0.61 -0.67 -20.85
CA ASP A 186 1.13 0.38 -21.71
C ASP A 186 1.54 1.64 -20.95
N GLY A 187 2.33 1.44 -19.92
CA GLY A 187 2.87 2.48 -19.04
C GLY A 187 1.87 3.04 -18.06
N VAL A 188 0.61 2.61 -18.12
CA VAL A 188 -0.43 3.17 -17.30
C VAL A 188 -0.98 2.17 -16.29
N VAL A 189 -0.95 2.55 -15.01
CA VAL A 189 -1.47 1.76 -13.91
C VAL A 189 -2.95 1.55 -14.11
N GLN A 190 -3.40 0.31 -13.99
CA GLN A 190 -4.76 -0.07 -14.20
C GLN A 190 -5.48 -0.31 -12.89
N GLN A 191 -6.73 0.06 -12.87
CA GLN A 191 -7.58 -0.13 -11.73
C GLN A 191 -8.04 -1.58 -11.83
N LEU A 192 -7.60 -2.41 -10.89
CA LEU A 192 -8.03 -3.80 -10.88
C LEU A 192 -9.47 -3.82 -10.42
N PRO A 193 -10.30 -4.64 -11.09
CA PRO A 193 -11.73 -4.67 -10.75
C PRO A 193 -12.04 -5.22 -9.36
N GLU A 194 -13.26 -4.97 -8.90
CA GLU A 194 -13.80 -5.56 -7.69
C GLU A 194 -14.01 -7.05 -8.06
N THR A 195 -13.59 -7.96 -7.20
CA THR A 195 -13.61 -9.37 -7.54
C THR A 195 -13.91 -10.28 -6.37
N TYR A 196 -14.50 -11.44 -6.68
CA TYR A 196 -14.65 -12.54 -5.75
C TYR A 196 -13.38 -13.37 -5.97
N PHE A 197 -13.05 -14.22 -4.99
CA PHE A 197 -11.92 -15.12 -5.15
C PHE A 197 -12.34 -16.55 -5.00
N THR A 198 -11.76 -17.44 -5.81
CA THR A 198 -12.01 -18.87 -5.64
C THR A 198 -11.22 -19.29 -4.36
N GLN A 199 -11.76 -20.26 -3.62
CA GLN A 199 -11.18 -20.69 -2.35
C GLN A 199 -10.01 -21.70 -2.46
N SER A 200 -9.76 -22.26 -3.66
CA SER A 200 -8.66 -23.19 -3.94
C SER A 200 -8.63 -24.45 -3.05
N ARG A 201 -9.81 -24.98 -2.70
CA ARG A 201 -9.90 -26.18 -1.86
C ARG A 201 -9.87 -27.48 -2.67
N ASN A 202 -9.58 -28.60 -1.98
CA ASN A 202 -9.54 -29.94 -2.59
C ASN A 202 -10.85 -30.65 -2.30
N LEU A 203 -11.20 -31.59 -3.15
CA LEU A 203 -12.41 -32.38 -2.94
C LEU A 203 -12.25 -33.34 -1.74
N GLN A 204 -11.08 -33.98 -1.64
CA GLN A 204 -10.82 -34.99 -0.62
C GLN A 204 -10.54 -34.42 0.77
N GLU A 205 -9.97 -33.20 0.85
CA GLU A 205 -9.69 -32.58 2.13
C GLU A 205 -10.39 -31.23 2.24
N PHE A 206 -11.67 -31.19 1.87
CA PHE A 206 -12.46 -29.98 1.87
C PHE A 206 -12.83 -29.53 3.28
N LYS A 207 -12.61 -28.24 3.58
CA LYS A 207 -12.99 -27.69 4.87
C LYS A 207 -13.90 -26.46 4.70
N PRO A 208 -15.05 -26.46 5.39
CA PRO A 208 -15.94 -25.29 5.29
C PRO A 208 -15.36 -23.99 5.90
N ARG A 209 -15.53 -22.87 5.19
CA ARG A 209 -14.97 -21.59 5.61
C ARG A 209 -16.03 -20.55 6.00
N SER A 210 -17.23 -21.02 6.41
CA SER A 210 -18.33 -20.18 6.86
C SER A 210 -19.44 -21.02 7.51
N GLN A 211 -20.33 -20.38 8.30
CA GLN A 211 -21.44 -21.09 8.93
C GLN A 211 -22.43 -21.63 7.88
N MET A 212 -22.55 -20.95 6.72
CA MET A 212 -23.41 -21.44 5.65
C MET A 212 -22.83 -22.74 5.05
N GLU A 213 -21.49 -22.79 4.91
CA GLU A 213 -20.78 -23.96 4.39
C GLU A 213 -20.82 -25.11 5.37
N ILE A 214 -20.76 -24.82 6.68
CA ILE A 214 -20.88 -25.82 7.73
C ILE A 214 -22.29 -26.42 7.69
N ASP A 215 -23.32 -25.54 7.53
CA ASP A 215 -24.72 -25.97 7.45
C ASP A 215 -25.02 -26.75 6.17
N PHE A 216 -24.33 -26.43 5.06
CA PHE A 216 -24.55 -27.15 3.81
C PHE A 216 -24.10 -28.61 3.91
N LEU A 217 -22.91 -28.84 4.48
CA LEU A 217 -22.36 -30.19 4.61
C LEU A 217 -23.04 -31.00 5.71
N GLU A 218 -23.64 -30.34 6.71
CA GLU A 218 -24.30 -31.05 7.81
C GLU A 218 -25.80 -31.28 7.58
N LEU A 219 -26.54 -30.22 7.26
CA LEU A 219 -27.98 -30.29 7.05
C LEU A 219 -28.34 -31.07 5.79
N ALA A 220 -29.55 -31.64 5.78
CA ALA A 220 -30.12 -32.33 4.62
C ALA A 220 -30.47 -31.27 3.57
N MET A 221 -30.60 -31.68 2.31
CA MET A 221 -30.89 -30.73 1.22
C MET A 221 -32.10 -29.81 1.47
N ASP A 222 -33.26 -30.38 1.81
CA ASP A 222 -34.50 -29.62 1.99
C ASP A 222 -34.51 -28.70 3.21
N GLU A 223 -33.69 -28.98 4.23
CA GLU A 223 -33.65 -28.10 5.41
C GLU A 223 -32.58 -27.01 5.29
N PHE A 224 -31.51 -27.24 4.49
CA PHE A 224 -30.52 -26.19 4.25
C PHE A 224 -31.18 -25.09 3.41
N ILE A 225 -31.85 -25.51 2.32
CA ILE A 225 -32.58 -24.63 1.41
C ILE A 225 -33.68 -23.85 2.18
N GLU A 226 -34.29 -24.50 3.18
CA GLU A 226 -35.29 -23.88 4.04
C GLU A 226 -34.66 -22.79 4.93
N ARG A 227 -33.58 -23.15 5.65
CA ARG A 227 -32.87 -22.25 6.56
C ARG A 227 -32.29 -20.99 5.88
N TYR A 228 -31.79 -21.16 4.65
CA TYR A 228 -31.17 -20.05 3.93
C TYR A 228 -32.04 -19.40 2.87
N LYS A 229 -33.36 -19.66 2.90
CA LYS A 229 -34.36 -19.07 2.00
C LYS A 229 -33.98 -19.24 0.53
N LEU A 230 -33.46 -20.40 0.15
CA LEU A 230 -33.01 -20.64 -1.21
C LEU A 230 -34.03 -21.35 -2.10
N GLU A 231 -35.32 -21.34 -1.71
CA GLU A 231 -36.37 -21.97 -2.51
C GLU A 231 -36.52 -21.22 -3.85
N GLY A 232 -36.54 -21.97 -4.95
CA GLY A 232 -36.65 -21.40 -6.29
C GLY A 232 -35.33 -21.01 -6.93
N TYR A 233 -34.20 -21.26 -6.25
CA TYR A 233 -32.88 -20.93 -6.80
C TYR A 233 -32.11 -22.12 -7.40
N ALA A 234 -32.80 -23.24 -7.61
CA ALA A 234 -32.28 -24.48 -8.21
C ALA A 234 -30.99 -25.02 -7.57
N PHE A 235 -30.85 -24.89 -6.24
CA PHE A 235 -29.66 -25.42 -5.56
C PHE A 235 -29.62 -26.95 -5.62
N GLU A 236 -30.81 -27.59 -5.64
CA GLU A 236 -30.99 -29.04 -5.79
C GLU A 236 -30.26 -29.56 -7.04
N HIS A 237 -30.32 -28.77 -8.13
CA HIS A 237 -29.69 -29.08 -9.40
C HIS A 237 -28.22 -28.54 -9.46
N ILE A 238 -28.04 -27.21 -9.35
CA ILE A 238 -26.75 -26.50 -9.43
C ILE A 238 -25.71 -26.95 -8.41
N VAL A 239 -26.07 -26.95 -7.12
CA VAL A 239 -25.11 -27.23 -6.07
C VAL A 239 -25.11 -28.69 -5.62
N TYR A 240 -26.29 -29.27 -5.38
CA TYR A 240 -26.39 -30.64 -4.91
C TYR A 240 -26.15 -31.69 -6.00
N GLY A 241 -26.60 -31.41 -7.22
CA GLY A 241 -26.46 -32.34 -8.31
C GLY A 241 -27.65 -33.27 -8.45
N ASP A 242 -28.03 -33.55 -9.68
CA ASP A 242 -29.12 -34.45 -9.99
C ASP A 242 -28.48 -35.71 -10.56
N PHE A 243 -28.54 -36.82 -9.84
CA PHE A 243 -27.93 -38.07 -10.31
C PHE A 243 -28.98 -39.08 -10.76
N SER A 244 -30.17 -38.62 -11.14
CA SER A 244 -31.25 -39.52 -11.52
C SER A 244 -31.27 -39.89 -13.00
N HIS A 245 -30.67 -39.06 -13.88
CA HIS A 245 -30.64 -39.36 -15.32
C HIS A 245 -29.25 -39.75 -15.84
N SER A 246 -29.16 -40.26 -17.10
CA SER A 246 -27.90 -40.67 -17.69
C SER A 246 -26.89 -39.50 -17.72
N GLN A 247 -27.39 -38.28 -17.97
CA GLN A 247 -26.56 -37.09 -17.89
C GLN A 247 -26.70 -36.48 -16.47
N LEU A 248 -25.56 -36.37 -15.76
CA LEU A 248 -25.46 -35.80 -14.42
C LEU A 248 -25.91 -34.33 -14.52
N GLY A 249 -26.88 -33.96 -13.71
CA GLY A 249 -27.42 -32.61 -13.71
C GLY A 249 -26.75 -31.72 -12.71
N GLY A 250 -26.39 -30.52 -13.13
CA GLY A 250 -25.76 -29.51 -12.29
C GLY A 250 -24.41 -29.91 -11.75
N LEU A 251 -24.23 -29.74 -10.43
CA LEU A 251 -23.01 -30.07 -9.69
C LEU A 251 -21.83 -29.16 -10.15
N HIS A 252 -22.03 -27.84 -10.03
CA HIS A 252 -21.06 -26.86 -10.50
C HIS A 252 -20.28 -26.15 -9.38
N LEU A 253 -20.60 -26.41 -8.10
CA LEU A 253 -19.86 -25.81 -6.99
C LEU A 253 -19.05 -26.92 -6.33
N LEU A 254 -17.76 -26.68 -5.99
CA LEU A 254 -16.91 -27.68 -5.36
C LEU A 254 -17.43 -28.18 -4.01
N ILE A 255 -18.15 -27.34 -3.24
CA ILE A 255 -18.72 -27.77 -1.96
C ILE A 255 -19.75 -28.91 -2.16
N GLY A 256 -20.53 -28.84 -3.23
CA GLY A 256 -21.53 -29.84 -3.55
C GLY A 256 -20.89 -31.16 -3.96
N LEU A 257 -19.79 -31.08 -4.69
CA LEU A 257 -19.02 -32.26 -5.07
C LEU A 257 -18.42 -32.90 -3.80
N ALA A 258 -17.95 -32.07 -2.85
CA ALA A 258 -17.35 -32.54 -1.60
C ALA A 258 -18.41 -33.23 -0.73
N LYS A 259 -19.63 -32.70 -0.70
CA LYS A 259 -20.71 -33.29 0.09
C LYS A 259 -21.05 -34.67 -0.47
N ARG A 260 -21.17 -34.76 -1.80
CA ARG A 260 -21.49 -35.98 -2.54
C ARG A 260 -20.39 -37.03 -2.33
N PHE A 261 -19.13 -36.59 -2.37
CA PHE A 261 -17.95 -37.41 -2.21
C PHE A 261 -17.89 -38.17 -0.89
N LYS A 262 -18.43 -37.58 0.20
CA LYS A 262 -18.44 -38.24 1.51
C LYS A 262 -19.37 -39.44 1.53
N GLU A 263 -20.51 -39.35 0.82
CA GLU A 263 -21.45 -40.46 0.76
C GLU A 263 -21.01 -41.51 -0.28
N SER A 264 -20.80 -41.10 -1.54
CA SER A 264 -20.36 -42.04 -2.57
C SER A 264 -19.27 -41.43 -3.45
N PRO A 265 -18.28 -42.24 -3.85
CA PRO A 265 -17.19 -41.70 -4.67
C PRO A 265 -17.57 -41.51 -6.13
N PHE A 266 -16.73 -40.77 -6.86
CA PHE A 266 -16.96 -40.54 -8.29
C PHE A 266 -15.63 -40.22 -8.98
N GLU A 267 -15.57 -40.46 -10.28
CA GLU A 267 -14.37 -40.19 -11.05
C GLU A 267 -14.49 -38.82 -11.66
N LEU A 268 -13.50 -37.95 -11.40
CA LEU A 268 -13.43 -36.62 -12.00
C LEU A 268 -12.26 -36.68 -12.95
N GLU A 269 -12.50 -36.65 -14.26
CA GLU A 269 -11.41 -36.66 -15.22
C GLU A 269 -11.01 -35.21 -15.57
N ASP A 270 -9.84 -34.80 -15.09
CA ASP A 270 -9.27 -33.49 -15.37
C ASP A 270 -8.61 -33.55 -16.78
N PHE A 271 -9.41 -33.43 -17.84
CA PHE A 271 -8.90 -33.55 -19.21
C PHE A 271 -8.03 -32.36 -19.68
N ILE A 272 -8.08 -31.19 -19.00
CA ILE A 272 -7.17 -30.08 -19.29
C ILE A 272 -6.50 -29.77 -17.95
N PRO A 273 -5.42 -30.51 -17.59
CA PRO A 273 -4.80 -30.34 -16.27
C PRO A 273 -3.90 -29.11 -16.10
N MET A 274 -4.51 -28.06 -15.60
CA MET A 274 -3.88 -26.77 -15.39
C MET A 274 -4.63 -26.01 -14.30
N ASP A 275 -4.02 -24.97 -13.76
CA ASP A 275 -4.66 -24.16 -12.75
C ASP A 275 -5.61 -23.20 -13.46
N SER A 276 -6.87 -23.14 -13.05
CA SER A 276 -7.81 -22.16 -13.62
C SER A 276 -9.02 -21.92 -12.72
N THR A 277 -9.57 -20.69 -12.78
CA THR A 277 -10.70 -20.22 -11.97
C THR A 277 -11.87 -21.18 -12.08
N VAL A 278 -12.25 -21.56 -13.30
CA VAL A 278 -13.27 -22.55 -13.52
C VAL A 278 -12.59 -23.83 -14.05
N LYS A 279 -12.83 -24.97 -13.42
CA LYS A 279 -12.26 -26.24 -13.86
C LYS A 279 -13.28 -27.09 -14.63
N ASN A 280 -12.82 -27.90 -15.60
CA ASN A 280 -13.72 -28.75 -16.38
C ASN A 280 -13.39 -30.21 -16.16
N TYR A 281 -14.39 -30.99 -15.75
CA TYR A 281 -14.17 -32.41 -15.50
C TYR A 281 -15.13 -33.30 -16.21
N PHE A 282 -14.64 -34.46 -16.67
CA PHE A 282 -15.52 -35.48 -17.22
C PHE A 282 -15.86 -36.27 -15.98
N ILE A 283 -17.04 -36.06 -15.40
CA ILE A 283 -17.42 -36.75 -14.17
C ILE A 283 -18.27 -38.00 -14.42
N THR A 284 -18.02 -39.08 -13.64
CA THR A 284 -18.75 -40.33 -13.68
C THR A 284 -19.08 -40.66 -12.24
N ASP A 285 -20.37 -40.66 -11.88
CA ASP A 285 -20.80 -40.99 -10.53
C ASP A 285 -20.76 -42.51 -10.43
N ALA A 286 -19.95 -43.05 -9.51
CA ALA A 286 -19.80 -44.49 -9.37
C ALA A 286 -21.03 -45.21 -8.81
N GLN A 287 -21.86 -44.49 -8.04
CA GLN A 287 -23.06 -45.09 -7.45
C GLN A 287 -24.19 -45.30 -8.46
N THR A 288 -24.56 -44.25 -9.19
CA THR A 288 -25.67 -44.26 -10.12
C THR A 288 -25.29 -44.52 -11.58
N GLY A 289 -24.08 -44.16 -11.98
CA GLY A 289 -23.70 -44.23 -13.39
C GLY A 289 -24.11 -42.96 -14.14
N SER A 290 -24.52 -41.91 -13.41
CA SER A 290 -24.85 -40.61 -13.97
C SER A 290 -23.50 -39.99 -14.37
N SER A 291 -23.38 -39.42 -15.58
CA SER A 291 -22.11 -38.83 -16.00
C SER A 291 -22.28 -37.56 -16.88
N LYS A 292 -21.22 -36.76 -17.00
CA LYS A 292 -21.23 -35.56 -17.82
C LYS A 292 -19.81 -35.34 -18.35
N CYS A 293 -19.65 -35.19 -19.67
CA CYS A 293 -18.35 -35.00 -20.31
C CYS A 293 -17.65 -33.75 -19.89
N VAL A 294 -18.39 -32.65 -19.83
CA VAL A 294 -17.83 -31.38 -19.45
C VAL A 294 -18.66 -30.83 -18.31
N CYS A 295 -18.19 -31.06 -17.08
CA CYS A 295 -18.87 -30.54 -15.91
C CYS A 295 -18.02 -29.43 -15.33
N SER A 296 -18.41 -28.17 -15.57
CA SER A 296 -17.65 -27.03 -15.09
C SER A 296 -17.86 -26.85 -13.58
N VAL A 297 -16.77 -26.79 -12.84
CA VAL A 297 -16.79 -26.67 -11.39
C VAL A 297 -16.02 -25.44 -10.98
N ILE A 298 -16.60 -24.66 -10.07
CA ILE A 298 -15.95 -23.50 -9.52
C ILE A 298 -15.94 -23.63 -7.99
N ASP A 299 -14.84 -23.22 -7.34
CA ASP A 299 -14.80 -23.27 -5.88
C ASP A 299 -15.00 -21.89 -5.31
N LEU A 300 -16.27 -21.51 -5.14
CA LEU A 300 -16.59 -20.25 -4.52
C LEU A 300 -17.02 -20.56 -3.10
N LEU A 301 -16.89 -19.57 -2.18
CA LEU A 301 -17.41 -19.72 -0.83
C LEU A 301 -18.94 -19.74 -1.00
N LEU A 302 -19.66 -20.71 -0.42
CA LEU A 302 -21.10 -20.84 -0.66
C LEU A 302 -21.88 -19.52 -0.51
N ASP A 303 -21.44 -18.64 0.41
CA ASP A 303 -22.04 -17.34 0.67
C ASP A 303 -21.88 -16.41 -0.53
N ASP A 304 -20.71 -16.47 -1.18
CA ASP A 304 -20.40 -15.68 -2.37
C ASP A 304 -21.24 -16.13 -3.55
N PHE A 305 -21.44 -17.47 -3.69
CA PHE A 305 -22.27 -18.03 -4.75
C PHE A 305 -23.73 -17.68 -4.51
N VAL A 306 -24.21 -17.76 -3.25
CA VAL A 306 -25.57 -17.39 -2.88
C VAL A 306 -25.81 -15.91 -3.19
N GLU A 307 -24.83 -15.04 -2.86
CA GLU A 307 -24.90 -13.62 -3.17
C GLU A 307 -24.98 -13.34 -4.68
N ILE A 308 -24.19 -14.06 -5.49
CA ILE A 308 -24.19 -13.93 -6.95
C ILE A 308 -25.55 -14.33 -7.53
N ILE A 309 -26.06 -15.54 -7.17
CA ILE A 309 -27.32 -16.04 -7.71
C ILE A 309 -28.52 -15.21 -7.24
N LYS A 310 -28.50 -14.73 -5.99
CA LYS A 310 -29.59 -13.90 -5.48
C LYS A 310 -29.58 -12.44 -5.97
N SER A 311 -28.47 -12.01 -6.57
CA SER A 311 -28.35 -10.66 -7.16
C SER A 311 -28.72 -10.66 -8.66
N GLN A 312 -29.37 -11.73 -9.16
CA GLN A 312 -29.74 -11.84 -10.56
C GLN A 312 -31.22 -11.63 -10.80
N ASP A 313 -31.54 -11.04 -11.94
CA ASP A 313 -32.91 -10.83 -12.33
C ASP A 313 -33.36 -12.16 -12.93
N LEU A 314 -34.44 -12.73 -12.39
CA LEU A 314 -34.93 -14.03 -12.84
C LEU A 314 -36.13 -13.95 -13.78
N SER A 315 -36.27 -12.86 -14.54
CA SER A 315 -37.43 -12.68 -15.42
C SER A 315 -37.25 -13.10 -16.89
N VAL A 316 -36.01 -13.48 -17.32
CA VAL A 316 -35.81 -13.87 -18.71
C VAL A 316 -35.48 -15.38 -18.83
N VAL A 317 -35.71 -15.96 -20.02
CA VAL A 317 -35.45 -17.38 -20.23
C VAL A 317 -33.96 -17.73 -20.15
N SER A 318 -33.10 -17.01 -20.88
CA SER A 318 -31.67 -17.27 -20.86
C SER A 318 -30.85 -16.02 -21.07
N LYS A 319 -29.80 -15.87 -20.28
CA LYS A 319 -28.89 -14.73 -20.41
C LYS A 319 -27.52 -15.04 -19.85
N VAL A 320 -26.51 -14.34 -20.34
CA VAL A 320 -25.16 -14.48 -19.84
C VAL A 320 -25.03 -13.55 -18.62
N VAL A 321 -24.50 -14.08 -17.52
CA VAL A 321 -24.28 -13.33 -16.30
C VAL A 321 -22.78 -13.29 -16.10
N LYS A 322 -22.17 -12.13 -16.28
CA LYS A 322 -20.73 -11.98 -16.11
C LYS A 322 -20.36 -11.61 -14.67
N VAL A 323 -19.49 -12.41 -14.03
CA VAL A 323 -19.07 -12.19 -12.64
C VAL A 323 -17.55 -12.11 -12.58
N THR A 324 -16.99 -11.10 -11.88
CA THR A 324 -15.53 -11.02 -11.75
C THR A 324 -15.06 -11.93 -10.62
N ILE A 325 -14.31 -12.98 -10.98
CA ILE A 325 -13.76 -13.96 -10.05
C ILE A 325 -12.27 -14.12 -10.39
N ASP A 326 -11.39 -13.95 -9.39
CA ASP A 326 -9.94 -14.02 -9.54
C ASP A 326 -9.39 -13.05 -10.57
N TYR A 327 -10.00 -11.85 -10.61
CA TYR A 327 -9.70 -10.74 -11.51
C TYR A 327 -10.17 -10.96 -12.95
N THR A 328 -10.67 -12.15 -13.28
CA THR A 328 -11.15 -12.43 -14.63
C THR A 328 -12.68 -12.38 -14.71
N GLU A 329 -13.23 -12.09 -15.89
CA GLU A 329 -14.69 -12.06 -16.05
C GLU A 329 -15.17 -13.45 -16.43
N ILE A 330 -15.86 -14.12 -15.51
CA ILE A 330 -16.42 -15.44 -15.73
C ILE A 330 -17.87 -15.31 -16.18
N SER A 331 -18.17 -15.77 -17.40
CA SER A 331 -19.54 -15.77 -17.95
C SER A 331 -20.26 -16.98 -17.44
N PHE A 332 -21.44 -16.78 -16.88
CA PHE A 332 -22.32 -17.83 -16.40
C PHE A 332 -23.54 -17.84 -17.30
N MET A 333 -24.25 -18.96 -17.36
CA MET A 333 -25.45 -19.05 -18.15
C MET A 333 -26.61 -19.17 -17.18
N LEU A 334 -27.47 -18.16 -17.12
CA LEU A 334 -28.61 -18.17 -16.21
C LEU A 334 -29.87 -18.55 -16.99
N TRP A 335 -30.50 -19.65 -16.59
CA TRP A 335 -31.72 -20.14 -17.22
C TRP A 335 -32.86 -20.09 -16.23
N CYS A 336 -33.91 -19.34 -16.54
CA CYS A 336 -35.06 -19.20 -15.64
C CYS A 336 -36.36 -19.65 -16.32
N LYS A 337 -37.44 -19.76 -15.53
CA LYS A 337 -38.78 -20.13 -15.96
C LYS A 337 -39.73 -19.69 -14.85
N ASP A 338 -40.77 -18.90 -15.21
CA ASP A 338 -41.80 -18.41 -14.27
C ASP A 338 -41.24 -17.75 -13.00
N GLY A 339 -40.14 -17.01 -13.15
CA GLY A 339 -39.50 -16.30 -12.05
C GLY A 339 -38.58 -17.12 -11.17
N HIS A 340 -38.36 -18.40 -11.52
CA HIS A 340 -37.47 -19.25 -10.75
C HIS A 340 -36.28 -19.71 -11.56
N VAL A 341 -35.15 -19.98 -10.90
CA VAL A 341 -33.96 -20.48 -11.58
C VAL A 341 -34.18 -21.93 -11.97
N GLU A 342 -33.78 -22.28 -13.18
CA GLU A 342 -33.80 -23.65 -13.68
C GLU A 342 -32.36 -24.17 -13.55
N THR A 343 -31.40 -23.40 -14.07
CA THR A 343 -29.97 -23.67 -13.94
C THR A 343 -29.15 -22.38 -13.98
N PHE A 344 -27.91 -22.45 -13.47
CA PHE A 344 -26.95 -21.36 -13.42
C PHE A 344 -25.60 -22.07 -13.41
N TYR A 345 -24.81 -21.94 -14.48
CA TYR A 345 -23.54 -22.66 -14.57
C TYR A 345 -22.45 -21.85 -15.22
N PRO A 346 -21.18 -22.04 -14.82
CA PRO A 346 -20.09 -21.31 -15.50
C PRO A 346 -20.04 -21.73 -16.97
N LYS A 347 -20.59 -20.89 -17.87
CA LYS A 347 -20.76 -21.08 -19.31
C LYS A 347 -19.56 -21.69 -20.02
N LEU A 348 -19.80 -22.84 -20.65
CA LEU A 348 -18.80 -23.59 -21.42
C LEU A 348 -18.55 -22.83 -22.73
N GLN A 349 -17.28 -22.52 -23.03
CA GLN A 349 -16.90 -21.77 -24.24
C GLN A 349 -16.40 -22.70 -25.36
N ALA B 2 12.87 24.99 41.45
CA ALA B 2 12.79 26.34 41.98
C ALA B 2 12.19 27.30 40.97
N MET B 3 11.12 26.83 40.28
CA MET B 3 10.41 27.54 39.23
C MET B 3 9.54 28.72 39.69
N SER B 4 9.74 29.86 39.01
CA SER B 4 9.00 31.09 39.27
C SER B 4 8.83 31.89 37.99
N LEU B 5 7.85 32.81 37.98
CA LEU B 5 7.62 33.69 36.86
C LEU B 5 8.84 34.60 36.64
N GLU B 6 9.41 35.11 37.74
CA GLU B 6 10.56 36.01 37.78
C GLU B 6 11.86 35.34 37.35
N ASN B 7 12.00 34.04 37.63
CA ASN B 7 13.15 33.29 37.19
C ASN B 7 13.02 32.92 35.71
N VAL B 8 11.80 32.60 35.23
CA VAL B 8 11.57 32.33 33.80
C VAL B 8 11.91 33.60 33.00
N ALA B 9 11.46 34.78 33.50
CA ALA B 9 11.72 36.08 32.91
C ALA B 9 13.19 36.47 32.96
N PHE B 10 13.90 36.13 34.05
CA PHE B 10 15.34 36.37 34.16
C PHE B 10 16.07 35.58 33.06
N ASN B 11 15.68 34.32 32.88
CA ASN B 11 16.27 33.47 31.86
C ASN B 11 16.00 34.00 30.47
N VAL B 12 14.77 34.43 30.18
CA VAL B 12 14.44 35.01 28.87
C VAL B 12 15.33 36.25 28.57
N VAL B 13 15.37 37.19 29.52
CA VAL B 13 16.13 38.43 29.45
C VAL B 13 17.63 38.20 29.27
N ASN B 14 18.21 37.28 30.06
CA ASN B 14 19.64 37.05 30.05
C ASN B 14 20.17 35.95 29.13
N LYS B 15 19.38 34.92 28.87
CA LYS B 15 19.80 33.78 28.08
C LYS B 15 19.09 33.62 26.74
N GLY B 16 18.09 34.46 26.46
CA GLY B 16 17.34 34.37 25.22
C GLY B 16 16.23 33.34 25.22
N HIS B 17 16.12 32.57 26.30
CA HIS B 17 15.15 31.49 26.51
C HIS B 17 15.41 30.90 27.91
N PHE B 18 14.61 29.92 28.35
CA PHE B 18 14.84 29.28 29.63
C PHE B 18 16.08 28.40 29.53
N ASP B 19 17.07 28.65 30.40
CA ASP B 19 18.33 27.93 30.42
C ASP B 19 18.69 27.39 31.84
N GLY B 20 17.72 27.36 32.75
CA GLY B 20 17.90 26.86 34.10
C GLY B 20 18.79 27.69 35.01
N GLN B 21 19.12 28.90 34.58
CA GLN B 21 19.98 29.83 35.30
C GLN B 21 19.27 30.42 36.50
N GLN B 22 20.00 30.68 37.58
CA GLN B 22 19.41 31.27 38.79
C GLN B 22 19.31 32.78 38.63
N GLY B 23 18.27 33.36 39.23
CA GLY B 23 18.10 34.80 39.20
C GLY B 23 16.66 35.21 38.96
N GLU B 24 16.34 36.45 39.28
CA GLU B 24 14.99 36.98 39.11
C GLU B 24 15.06 38.40 38.58
N VAL B 25 14.10 38.75 37.73
CA VAL B 25 13.89 40.11 37.23
C VAL B 25 12.45 40.51 37.63
N PRO B 26 12.20 41.79 37.92
CA PRO B 26 10.83 42.20 38.26
C PRO B 26 9.89 42.09 37.07
N VAL B 27 8.75 41.45 37.27
CA VAL B 27 7.79 41.21 36.19
C VAL B 27 6.46 41.87 36.49
N SER B 28 5.79 42.31 35.44
CA SER B 28 4.42 42.79 35.54
C SER B 28 3.56 42.15 34.43
N ILE B 29 2.36 41.71 34.77
CA ILE B 29 1.45 41.07 33.83
C ILE B 29 0.23 41.94 33.62
N ILE B 30 0.01 42.37 32.37
CA ILE B 30 -1.14 43.22 32.03
C ILE B 30 -1.78 42.62 30.81
N ASN B 31 -3.12 42.48 30.74
N ASN B 31 -2.92 42.02 31.16
CA ASN B 31 -3.85 41.96 29.54
CA ASN B 31 -3.87 41.21 30.45
C ASN B 31 -3.01 41.21 28.44
C ASN B 31 -3.16 39.95 29.96
N ASN B 32 -2.71 39.94 28.74
CA ASN B 32 -2.01 38.89 28.03
C ASN B 32 -0.58 39.20 27.66
N THR B 33 0.03 40.17 28.32
CA THR B 33 1.40 40.55 28.03
C THR B 33 2.26 40.47 29.27
N VAL B 34 3.47 39.96 29.11
CA VAL B 34 4.44 39.87 30.18
C VAL B 34 5.46 40.98 29.93
N TYR B 35 5.65 41.87 30.91
CA TYR B 35 6.61 42.94 30.84
C TYR B 35 7.69 42.73 31.90
N THR B 36 8.83 43.39 31.70
CA THR B 36 9.89 43.43 32.68
C THR B 36 10.39 44.86 32.82
N LYS B 37 10.79 45.27 34.03
CA LYS B 37 11.30 46.61 34.24
C LYS B 37 12.77 46.65 33.84
N VAL B 38 13.12 47.51 32.90
CA VAL B 38 14.50 47.68 32.48
C VAL B 38 14.79 49.15 32.60
N ASP B 39 15.53 49.52 33.66
CA ASP B 39 15.90 50.90 33.95
C ASP B 39 14.69 51.83 34.11
N GLY B 40 13.74 51.38 34.91
CA GLY B 40 12.56 52.19 35.22
C GLY B 40 11.43 52.15 34.22
N VAL B 41 11.61 51.50 33.05
CA VAL B 41 10.53 51.40 32.06
C VAL B 41 10.21 49.95 31.74
N ASP B 42 8.92 49.65 31.54
CA ASP B 42 8.45 48.30 31.20
C ASP B 42 8.75 47.95 29.78
N VAL B 43 9.35 46.79 29.55
CA VAL B 43 9.71 46.30 28.24
C VAL B 43 8.95 45.00 28.02
N GLU B 44 8.25 44.87 26.89
CA GLU B 44 7.48 43.67 26.58
C GLU B 44 8.38 42.46 26.31
N LEU B 45 8.13 41.36 27.03
CA LEU B 45 8.87 40.12 26.84
C LEU B 45 8.07 39.09 26.09
N PHE B 46 6.72 39.10 26.24
CA PHE B 46 5.90 38.09 25.61
C PHE B 46 4.45 38.51 25.50
N GLU B 47 3.84 38.28 24.34
CA GLU B 47 2.42 38.49 24.17
C GLU B 47 1.78 37.12 23.97
N ASN B 48 0.86 36.78 24.86
CA ASN B 48 0.16 35.53 24.83
C ASN B 48 -0.86 35.46 23.69
N LYS B 49 -0.61 34.57 22.73
CA LYS B 49 -1.52 34.32 21.61
C LYS B 49 -2.26 32.96 21.77
N THR B 50 -2.07 32.26 22.90
CA THR B 50 -2.60 30.96 23.24
C THR B 50 -3.92 31.07 24.05
N THR B 51 -4.57 29.92 24.25
CA THR B 51 -5.75 29.81 25.09
C THR B 51 -5.36 29.41 26.55
N LEU B 52 -4.06 29.38 26.87
CA LEU B 52 -3.56 29.07 28.21
C LEU B 52 -3.41 30.38 28.98
N PRO B 53 -3.36 30.34 30.33
CA PRO B 53 -3.06 31.57 31.08
C PRO B 53 -1.71 32.19 30.66
N VAL B 54 -1.61 33.52 30.61
CA VAL B 54 -0.44 34.30 30.15
C VAL B 54 0.87 33.85 30.75
N ASN B 55 0.93 33.64 32.07
CA ASN B 55 2.16 33.23 32.74
C ASN B 55 2.54 31.79 32.44
N VAL B 56 1.55 30.93 32.20
CA VAL B 56 1.74 29.54 31.85
C VAL B 56 2.25 29.46 30.40
N ALA B 57 1.62 30.19 29.46
CA ALA B 57 2.07 30.19 28.08
C ALA B 57 3.48 30.76 27.95
N PHE B 58 3.84 31.76 28.78
CA PHE B 58 5.15 32.41 28.82
C PHE B 58 6.23 31.42 29.21
N GLU B 59 5.97 30.62 30.25
CA GLU B 59 6.88 29.60 30.71
C GLU B 59 7.07 28.49 29.67
N LEU B 60 6.01 28.05 29.01
CA LEU B 60 6.12 27.02 27.98
C LEU B 60 6.86 27.54 26.76
N TRP B 61 6.66 28.80 26.40
CA TRP B 61 7.37 29.42 25.30
C TRP B 61 8.87 29.53 25.67
N ALA B 62 9.20 30.02 26.89
CA ALA B 62 10.59 30.10 27.33
C ALA B 62 11.26 28.72 27.32
N LYS B 63 10.50 27.68 27.72
CA LYS B 63 10.98 26.30 27.80
C LYS B 63 10.85 25.49 26.49
N ARG B 64 10.65 26.17 25.36
CA ARG B 64 10.54 25.57 24.05
C ARG B 64 11.85 24.89 23.61
N ASN B 65 11.74 23.90 22.73
CA ASN B 65 12.88 23.20 22.18
C ASN B 65 13.56 24.12 21.14
N ILE B 66 14.81 24.48 21.39
CA ILE B 66 15.59 25.33 20.52
C ILE B 66 16.56 24.51 19.61
N LYS B 67 16.35 23.19 19.49
CA LYS B 67 17.13 22.35 18.58
C LYS B 67 16.27 22.11 17.37
N PRO B 68 16.82 21.74 16.17
CA PRO B 68 15.93 21.43 15.04
C PRO B 68 14.99 20.29 15.41
N VAL B 69 13.68 20.52 15.43
CA VAL B 69 12.72 19.47 15.79
C VAL B 69 11.81 19.13 14.62
N PRO B 70 11.13 17.95 14.62
CA PRO B 70 10.20 17.65 13.52
C PRO B 70 9.10 18.72 13.42
N GLU B 71 8.65 19.04 12.19
CA GLU B 71 7.60 20.03 12.00
C GLU B 71 6.29 19.50 12.60
N VAL B 72 5.49 20.38 13.22
CA VAL B 72 4.24 20.02 13.91
C VAL B 72 3.34 19.14 13.05
N LYS B 73 3.23 19.38 11.71
CA LYS B 73 2.43 18.54 10.81
C LYS B 73 2.87 17.05 10.86
N ILE B 74 4.19 16.76 10.86
CA ILE B 74 4.74 15.39 10.94
C ILE B 74 4.35 14.75 12.28
N LEU B 75 4.48 15.49 13.37
CA LEU B 75 4.16 15.01 14.70
C LEU B 75 2.69 14.71 14.85
N ASN B 76 1.83 15.53 14.25
CA ASN B 76 0.38 15.37 14.28
C ASN B 76 -0.02 14.16 13.46
N ASN B 77 0.60 14.01 12.27
CA ASN B 77 0.33 12.90 11.35
C ASN B 77 0.73 11.57 11.96
N LEU B 78 1.78 11.54 12.78
CA LEU B 78 2.25 10.38 13.51
C LEU B 78 1.54 10.15 14.85
N GLY B 79 0.51 10.93 15.15
CA GLY B 79 -0.29 10.78 16.35
C GLY B 79 0.34 11.14 17.67
N VAL B 80 1.36 12.04 17.68
CA VAL B 80 2.03 12.47 18.91
C VAL B 80 1.07 13.31 19.76
N ASP B 81 0.93 12.96 21.04
CA ASP B 81 0.03 13.62 21.98
C ASP B 81 0.75 14.58 22.91
N ILE B 82 1.99 14.26 23.27
CA ILE B 82 2.76 14.99 24.26
C ILE B 82 4.25 14.73 24.00
N ALA B 83 5.12 15.64 24.41
CA ALA B 83 6.57 15.45 24.24
C ALA B 83 7.21 15.07 25.58
N ALA B 84 8.30 14.27 25.56
CA ALA B 84 8.98 13.89 26.79
C ALA B 84 10.03 14.92 27.17
N ASN B 85 9.75 15.67 28.25
CA ASN B 85 10.64 16.62 28.90
C ASN B 85 11.10 17.79 28.03
N THR B 86 10.25 18.20 27.11
CA THR B 86 10.47 19.35 26.24
C THR B 86 9.11 19.98 25.84
N VAL B 87 9.15 21.15 25.19
CA VAL B 87 7.96 21.79 24.66
C VAL B 87 8.20 21.98 23.17
N ILE B 88 7.36 21.37 22.32
CA ILE B 88 7.46 21.63 20.89
C ILE B 88 6.58 22.86 20.66
N TRP B 89 7.21 23.99 20.31
CA TRP B 89 6.49 25.22 20.10
C TRP B 89 5.96 25.25 18.69
N ASP B 90 4.67 25.50 18.55
CA ASP B 90 4.01 25.59 17.27
C ASP B 90 4.09 27.04 16.83
N TYR B 91 5.04 27.37 15.97
CA TYR B 91 5.22 28.74 15.50
C TYR B 91 4.14 29.19 14.51
N LYS B 92 3.43 28.25 13.89
CA LYS B 92 2.33 28.59 13.00
C LYS B 92 1.08 29.00 13.79
N ARG B 93 0.93 28.49 15.03
CA ARG B 93 -0.19 28.86 15.89
C ARG B 93 0.21 29.78 17.05
N ASP B 94 1.51 30.06 17.23
CA ASP B 94 2.05 30.83 18.37
C ASP B 94 1.59 30.23 19.68
N ALA B 95 1.64 28.91 19.77
CA ALA B 95 1.17 28.18 20.94
C ALA B 95 1.91 26.90 21.08
N PRO B 96 1.87 26.25 22.26
CA PRO B 96 2.49 24.92 22.39
C PRO B 96 1.81 23.93 21.45
N ALA B 97 2.57 23.00 20.84
CA ALA B 97 1.99 22.02 19.93
C ALA B 97 1.09 21.01 20.63
N HIS B 98 1.31 20.78 21.94
CA HIS B 98 0.61 19.79 22.75
C HIS B 98 0.05 20.44 23.99
N ILE B 99 -1.12 19.97 24.46
CA ILE B 99 -1.84 20.52 25.63
C ILE B 99 -1.07 20.43 26.94
N SER B 100 -0.59 19.21 27.23
CA SER B 100 0.10 18.90 28.46
C SER B 100 1.60 18.71 28.21
N THR B 101 2.36 18.71 29.30
CA THR B 101 3.80 18.49 29.27
C THR B 101 4.18 17.33 30.23
N ILE B 102 5.44 16.87 30.11
CA ILE B 102 6.00 15.87 31.01
C ILE B 102 7.32 16.48 31.47
N GLY B 103 7.42 16.84 32.75
CA GLY B 103 8.62 17.42 33.34
C GLY B 103 9.05 18.79 32.82
N VAL B 104 8.07 19.66 32.55
CA VAL B 104 8.35 20.99 32.00
C VAL B 104 7.79 22.14 32.88
N CYS B 105 6.49 22.16 33.12
CA CYS B 105 5.82 23.25 33.80
C CYS B 105 4.83 22.66 34.77
N SER B 106 4.84 23.09 36.03
CA SER B 106 3.94 22.54 37.05
C SER B 106 2.46 22.68 36.75
N MET B 107 2.09 23.70 35.98
CA MET B 107 0.70 23.95 35.60
C MET B 107 0.21 23.00 34.50
N THR B 108 1.08 22.64 33.55
CA THR B 108 0.67 21.80 32.43
C THR B 108 1.09 20.33 32.53
N ASP B 109 2.01 20.01 33.46
CA ASP B 109 2.52 18.66 33.66
C ASP B 109 1.49 17.67 34.10
N ILE B 110 1.43 16.54 33.40
CA ILE B 110 0.60 15.41 33.81
C ILE B 110 1.45 14.38 34.60
N ALA B 111 2.79 14.42 34.40
CA ALA B 111 3.82 13.56 34.95
C ALA B 111 5.16 14.32 34.96
N LYS B 112 6.14 13.84 35.75
CA LYS B 112 7.50 14.37 35.78
C LYS B 112 8.40 13.59 34.81
N LYS B 113 8.15 12.26 34.69
CA LYS B 113 8.90 11.33 33.83
C LYS B 113 7.92 10.58 32.92
N PRO B 114 8.28 10.32 31.64
CA PRO B 114 7.33 9.63 30.74
C PRO B 114 7.06 8.16 31.07
N THR B 115 7.70 7.65 32.12
CA THR B 115 7.54 6.29 32.64
C THR B 115 6.31 6.16 33.58
N GLU B 116 5.68 7.29 33.96
CA GLU B 116 4.49 7.29 34.81
C GLU B 116 3.31 6.70 34.06
N THR B 117 2.42 5.98 34.76
CA THR B 117 1.33 5.27 34.10
C THR B 117 0.35 6.19 33.34
N ILE B 118 0.30 7.50 33.67
CA ILE B 118 -0.56 8.45 32.95
C ILE B 118 -0.15 8.57 31.46
N CYS B 119 1.14 8.40 31.17
CA CYS B 119 1.72 8.52 29.84
C CYS B 119 1.61 7.27 29.00
N ALA B 120 1.40 6.09 29.63
CA ALA B 120 1.30 4.82 28.93
C ALA B 120 0.32 4.84 27.75
N PRO B 121 -0.95 5.33 27.90
CA PRO B 121 -1.84 5.37 26.73
C PRO B 121 -1.60 6.50 25.71
N LEU B 122 -0.70 7.47 26.01
CA LEU B 122 -0.43 8.59 25.11
C LEU B 122 0.79 8.34 24.24
N THR B 123 0.76 8.81 22.98
CA THR B 123 1.93 8.66 22.11
C THR B 123 2.91 9.76 22.48
N VAL B 124 3.93 9.40 23.29
CA VAL B 124 4.93 10.33 23.77
C VAL B 124 6.05 10.51 22.73
N PHE B 125 6.47 11.76 22.46
CA PHE B 125 7.57 12.03 21.52
C PHE B 125 8.88 11.94 22.28
N PHE B 126 9.81 11.14 21.74
CA PHE B 126 11.14 10.89 22.29
C PHE B 126 12.17 11.35 21.28
N ASP B 127 13.18 12.03 21.80
CA ASP B 127 14.28 12.60 21.06
C ASP B 127 15.55 11.80 21.41
N GLY B 128 16.04 11.04 20.46
CA GLY B 128 17.24 10.23 20.63
C GLY B 128 18.49 11.03 20.85
N ARG B 129 18.46 12.34 20.58
CA ARG B 129 19.60 13.23 20.81
C ARG B 129 19.78 13.57 22.30
N VAL B 130 18.74 13.36 23.12
CA VAL B 130 18.74 13.57 24.56
C VAL B 130 19.09 12.23 25.21
N ASP B 131 20.00 12.23 26.18
CA ASP B 131 20.43 11.03 26.87
C ASP B 131 19.28 10.22 27.48
N GLY B 132 19.29 8.93 27.19
CA GLY B 132 18.32 7.98 27.73
C GLY B 132 16.94 7.96 27.10
N GLN B 133 16.67 8.81 26.09
CA GLN B 133 15.33 8.84 25.50
C GLN B 133 15.11 7.70 24.51
N VAL B 134 16.17 7.14 23.90
CA VAL B 134 16.00 5.96 23.03
C VAL B 134 15.57 4.77 23.92
N ASP B 135 16.13 4.66 25.14
CA ASP B 135 15.77 3.63 26.11
C ASP B 135 14.38 3.87 26.70
N LEU B 136 13.97 5.12 26.84
CA LEU B 136 12.63 5.44 27.33
C LEU B 136 11.58 5.05 26.27
N PHE B 137 11.90 5.24 24.97
CA PHE B 137 11.05 4.83 23.86
C PHE B 137 10.92 3.30 23.86
N ARG B 138 12.05 2.60 24.09
CA ARG B 138 12.12 1.15 24.14
C ARG B 138 11.20 0.60 25.21
N ASN B 139 11.09 1.27 26.35
CA ASN B 139 10.23 0.81 27.43
C ASN B 139 8.81 1.37 27.38
N ALA B 140 8.55 2.42 26.56
CA ALA B 140 7.23 3.03 26.42
C ALA B 140 6.26 2.23 25.58
N ARG B 141 4.98 2.25 25.96
CA ARG B 141 3.92 1.52 25.29
C ARG B 141 3.59 2.22 23.97
N ASN B 142 3.37 3.54 24.03
CA ASN B 142 3.08 4.36 22.85
C ASN B 142 4.09 5.48 22.74
N GLY B 143 4.55 5.72 21.53
CA GLY B 143 5.53 6.76 21.30
C GLY B 143 6.13 6.83 19.92
N VAL B 144 6.72 7.98 19.62
CA VAL B 144 7.42 8.25 18.36
C VAL B 144 8.85 8.64 18.75
N LEU B 145 9.85 8.03 18.13
CA LEU B 145 11.24 8.33 18.40
C LEU B 145 11.92 8.97 17.20
N ILE B 146 12.73 10.02 17.44
CA ILE B 146 13.58 10.57 16.39
C ILE B 146 15.04 10.31 16.74
N THR B 147 15.86 9.95 15.75
CA THR B 147 17.30 9.73 16.00
C THR B 147 18.11 10.30 14.84
N GLU B 148 19.35 10.64 15.12
CA GLU B 148 20.26 11.12 14.09
C GLU B 148 20.88 9.93 13.37
N GLY B 149 21.23 8.88 14.13
CA GLY B 149 21.80 7.66 13.59
C GLY B 149 20.92 6.46 13.82
N SER B 150 21.51 5.26 13.77
CA SER B 150 20.80 3.98 13.92
C SER B 150 20.55 3.52 15.37
N VAL B 151 19.47 2.74 15.55
CA VAL B 151 19.06 2.13 16.81
C VAL B 151 19.21 0.62 16.68
N LYS B 152 19.75 -0.04 17.71
CA LYS B 152 19.97 -1.48 17.68
C LYS B 152 18.69 -2.26 17.52
N GLY B 153 18.65 -3.05 16.46
CA GLY B 153 17.54 -3.93 16.13
C GLY B 153 16.42 -3.29 15.35
N LEU B 154 16.08 -2.04 15.72
CA LEU B 154 15.04 -1.26 15.09
C LEU B 154 15.39 -0.78 13.69
N GLN B 155 14.52 -1.05 12.73
CA GLN B 155 14.66 -0.53 11.37
C GLN B 155 14.02 0.84 11.32
N PRO B 156 14.73 1.82 10.74
CA PRO B 156 14.21 3.18 10.74
C PRO B 156 13.32 3.53 9.56
N SER B 157 12.67 4.66 9.70
CA SER B 157 11.90 5.25 8.63
C SER B 157 12.62 6.58 8.42
N VAL B 158 13.23 6.79 7.25
CA VAL B 158 13.95 8.03 7.00
C VAL B 158 12.93 9.15 6.82
N GLY B 159 13.01 10.16 7.68
CA GLY B 159 12.09 11.29 7.67
C GLY B 159 12.43 12.34 6.63
N PRO B 160 11.73 13.48 6.71
CA PRO B 160 12.03 14.57 5.75
C PRO B 160 13.43 15.15 5.96
N LYS B 161 13.99 15.75 4.91
CA LYS B 161 15.31 16.38 5.00
C LYS B 161 15.31 17.58 5.94
N GLN B 162 14.16 18.28 6.03
CA GLN B 162 13.98 19.49 6.80
C GLN B 162 13.35 19.28 8.19
N ALA B 163 13.72 20.18 9.10
CA ALA B 163 13.19 20.25 10.44
C ALA B 163 12.97 21.76 10.78
N SER B 164 12.32 22.05 11.89
CA SER B 164 12.05 23.41 12.32
C SER B 164 13.05 23.82 13.42
N LEU B 165 13.91 24.82 13.14
CA LEU B 165 14.81 25.35 14.15
C LEU B 165 14.31 26.73 14.54
N ASN B 166 13.65 26.85 15.69
CA ASN B 166 13.09 28.10 16.19
C ASN B 166 12.08 28.74 15.28
N GLY B 167 11.31 27.91 14.60
CA GLY B 167 10.29 28.40 13.69
C GLY B 167 10.77 28.55 12.26
N VAL B 168 12.06 28.33 12.01
CA VAL B 168 12.60 28.41 10.67
C VAL B 168 12.71 26.98 10.15
N THR B 169 11.92 26.66 9.12
CA THR B 169 12.01 25.35 8.50
C THR B 169 13.20 25.39 7.56
N LEU B 170 14.12 24.45 7.74
CA LEU B 170 15.35 24.42 6.97
C LEU B 170 15.90 23.03 6.84
N ILE B 171 16.73 22.81 5.82
CA ILE B 171 17.47 21.58 5.63
C ILE B 171 18.86 21.96 6.14
N GLY B 172 19.21 21.42 7.29
CA GLY B 172 20.43 21.75 8.01
C GLY B 172 21.73 21.42 7.31
N GLU B 173 22.69 22.31 7.47
CA GLU B 173 24.04 22.18 6.95
C GLU B 173 25.02 22.19 8.13
N ALA B 174 24.78 23.02 9.14
CA ALA B 174 25.59 23.08 10.35
C ALA B 174 25.00 22.21 11.48
N VAL B 175 23.72 21.78 11.34
CA VAL B 175 22.97 20.93 12.26
C VAL B 175 22.31 19.81 11.46
N LYS B 176 21.93 18.71 12.13
CA LYS B 176 21.25 17.62 11.46
C LYS B 176 19.76 17.88 11.54
N THR B 177 19.07 17.82 10.39
CA THR B 177 17.61 18.01 10.36
C THR B 177 16.87 16.77 9.85
N GLN B 178 17.58 15.79 9.21
CA GLN B 178 16.94 14.56 8.75
C GLN B 178 17.04 13.49 9.82
N PHE B 179 15.90 13.05 10.35
CA PHE B 179 15.86 12.07 11.43
C PHE B 179 15.36 10.72 10.98
N ASN B 180 15.67 9.70 11.77
CA ASN B 180 15.13 8.37 11.63
C ASN B 180 13.91 8.38 12.54
N TYR B 181 12.81 7.85 12.04
CA TYR B 181 11.57 7.80 12.77
C TYR B 181 11.23 6.41 13.15
N TYR B 182 10.77 6.27 14.37
CA TYR B 182 10.34 5.01 14.94
C TYR B 182 9.02 5.27 15.62
N LYS B 183 8.14 4.29 15.65
CA LYS B 183 6.83 4.45 16.27
C LYS B 183 6.44 3.14 16.94
N LYS B 184 5.74 3.23 18.06
CA LYS B 184 5.28 2.09 18.83
C LYS B 184 3.86 2.37 19.22
N VAL B 185 2.99 1.38 18.98
CA VAL B 185 1.58 1.39 19.31
C VAL B 185 1.36 0.15 20.15
N ASP B 186 0.81 0.33 21.37
CA ASP B 186 0.53 -0.76 22.32
C ASP B 186 1.70 -1.73 22.55
N GLY B 187 2.91 -1.18 22.61
CA GLY B 187 4.16 -1.91 22.87
C GLY B 187 4.82 -2.50 21.65
N VAL B 188 4.14 -2.45 20.49
CA VAL B 188 4.65 -3.06 19.26
C VAL B 188 5.28 -2.01 18.35
N VAL B 189 6.54 -2.22 17.92
CA VAL B 189 7.21 -1.31 17.00
C VAL B 189 6.49 -1.39 15.67
N GLN B 190 6.14 -0.25 15.10
CA GLN B 190 5.38 -0.19 13.87
C GLN B 190 6.27 -0.18 12.65
N GLN B 191 5.74 -0.70 11.56
CA GLN B 191 6.37 -0.57 10.26
C GLN B 191 5.72 0.72 9.72
N LEU B 192 6.44 1.85 9.75
CA LEU B 192 5.89 3.11 9.23
C LEU B 192 5.72 2.99 7.72
N PRO B 193 4.66 3.60 7.14
CA PRO B 193 4.43 3.41 5.71
C PRO B 193 5.45 4.11 4.82
N GLU B 194 5.46 3.70 3.54
CA GLU B 194 6.19 4.35 2.46
C GLU B 194 5.52 5.72 2.30
N THR B 195 6.27 6.81 2.26
CA THR B 195 5.66 8.12 2.20
C THR B 195 6.43 9.11 1.37
N TYR B 196 5.69 10.05 0.81
CA TYR B 196 6.26 11.21 0.16
C TYR B 196 6.32 12.25 1.27
N PHE B 197 7.14 13.28 1.10
CA PHE B 197 7.18 14.35 2.08
C PHE B 197 6.86 15.66 1.42
N THR B 198 6.14 16.54 2.14
CA THR B 198 5.92 17.89 1.65
C THR B 198 7.27 18.64 1.85
N GLN B 199 7.59 19.57 0.94
CA GLN B 199 8.86 20.29 0.94
C GLN B 199 8.93 21.49 1.89
N SER B 200 7.79 21.92 2.47
CA SER B 200 7.68 23.02 3.44
C SER B 200 8.28 24.36 2.97
N ARG B 201 8.16 24.67 1.68
CA ARG B 201 8.68 25.93 1.14
C ARG B 201 7.71 27.09 1.28
N ASN B 202 8.23 28.33 1.14
CA ASN B 202 7.45 29.55 1.20
C ASN B 202 7.14 30.01 -0.20
N LEU B 203 6.04 30.73 -0.34
CA LEU B 203 5.66 31.28 -1.63
C LEU B 203 6.63 32.40 -2.04
N GLN B 204 6.99 33.29 -1.10
CA GLN B 204 7.83 34.44 -1.40
C GLN B 204 9.31 34.12 -1.59
N GLU B 205 9.81 33.08 -0.92
CA GLU B 205 11.23 32.70 -1.06
C GLU B 205 11.36 31.26 -1.56
N PHE B 206 10.63 30.93 -2.63
CA PHE B 206 10.62 29.57 -3.18
C PHE B 206 11.90 29.20 -3.91
N LYS B 207 12.48 28.04 -3.60
CA LYS B 207 13.67 27.58 -4.28
C LYS B 207 13.44 26.20 -4.90
N PRO B 208 13.75 26.03 -6.21
CA PRO B 208 13.57 24.71 -6.83
C PRO B 208 14.54 23.66 -6.26
N ARG B 209 14.03 22.43 -6.05
CA ARG B 209 14.85 21.37 -5.48
C ARG B 209 15.07 20.20 -6.47
N SER B 210 14.96 20.47 -7.78
CA SER B 210 15.19 19.48 -8.84
C SER B 210 15.25 20.14 -10.21
N GLN B 211 15.81 19.46 -11.22
CA GLN B 211 15.89 19.99 -12.57
C GLN B 211 14.50 20.18 -13.18
N MET B 212 13.51 19.35 -12.78
CA MET B 212 12.14 19.51 -13.26
C MET B 212 11.53 20.81 -12.69
N GLU B 213 11.83 21.11 -11.42
CA GLU B 213 11.37 22.31 -10.74
C GLU B 213 12.05 23.57 -11.30
N ILE B 214 13.34 23.45 -11.67
CA ILE B 214 14.10 24.53 -12.29
C ILE B 214 13.49 24.81 -13.67
N ASP B 215 13.13 23.76 -14.43
CA ASP B 215 12.53 23.89 -15.75
C ASP B 215 11.10 24.41 -15.67
N PHE B 216 10.36 24.09 -14.60
CA PHE B 216 8.98 24.58 -14.44
C PHE B 216 8.96 26.10 -14.28
N LEU B 217 9.88 26.64 -13.47
CA LEU B 217 10.00 28.06 -13.20
C LEU B 217 10.62 28.81 -14.39
N GLU B 218 11.61 28.21 -15.06
CA GLU B 218 12.31 28.87 -16.15
C GLU B 218 11.66 28.77 -17.50
N LEU B 219 10.84 27.74 -17.72
CA LEU B 219 10.23 27.51 -19.03
C LEU B 219 8.79 28.03 -19.13
N ALA B 220 8.29 28.19 -20.37
CA ALA B 220 6.91 28.60 -20.57
C ALA B 220 6.02 27.37 -20.38
N MET B 221 4.72 27.57 -20.10
CA MET B 221 3.81 26.46 -19.86
C MET B 221 3.81 25.37 -20.93
N ASP B 222 3.63 25.74 -22.21
CA ASP B 222 3.52 24.78 -23.29
C ASP B 222 4.81 24.04 -23.62
N GLU B 223 5.99 24.60 -23.27
CA GLU B 223 7.25 23.91 -23.55
C GLU B 223 7.70 23.05 -22.36
N PHE B 224 7.28 23.38 -21.12
CA PHE B 224 7.60 22.52 -19.97
C PHE B 224 6.81 21.21 -20.13
N ILE B 225 5.49 21.34 -20.41
CA ILE B 225 4.58 20.22 -20.62
C ILE B 225 5.07 19.35 -21.80
N GLU B 226 5.66 19.99 -22.82
CA GLU B 226 6.23 19.29 -23.97
C GLU B 226 7.47 18.50 -23.55
N ARG B 227 8.45 19.15 -22.86
CA ARG B 227 9.70 18.53 -22.41
C ARG B 227 9.51 17.34 -21.47
N TYR B 228 8.50 17.43 -20.60
CA TYR B 228 8.27 16.39 -19.60
C TYR B 228 7.12 15.43 -19.93
N LYS B 229 6.65 15.43 -21.20
CA LYS B 229 5.59 14.56 -21.71
C LYS B 229 4.33 14.58 -20.84
N LEU B 230 3.94 15.78 -20.38
CA LEU B 230 2.79 15.92 -19.50
C LEU B 230 1.50 16.27 -20.20
N GLU B 231 1.41 16.06 -21.53
CA GLU B 231 0.19 16.35 -22.28
C GLU B 231 -0.93 15.42 -21.83
N GLY B 232 -2.11 15.98 -21.56
CA GLY B 232 -3.24 15.21 -21.10
C GLY B 232 -3.34 15.03 -19.59
N TYR B 233 -2.39 15.59 -18.83
CA TYR B 233 -2.39 15.48 -17.38
C TYR B 233 -2.91 16.70 -16.64
N ALA B 234 -3.57 17.63 -17.36
CA ALA B 234 -4.17 18.86 -16.85
C ALA B 234 -3.25 19.74 -15.98
N PHE B 235 -1.95 19.81 -16.30
CA PHE B 235 -1.02 20.66 -15.55
C PHE B 235 -1.37 22.14 -15.71
N GLU B 236 -1.90 22.52 -16.88
CA GLU B 236 -2.36 23.86 -17.21
C GLU B 236 -3.40 24.36 -16.17
N HIS B 237 -4.27 23.45 -15.71
CA HIS B 237 -5.30 23.70 -14.72
C HIS B 237 -4.77 23.47 -13.28
N ILE B 238 -4.35 22.23 -12.94
CA ILE B 238 -3.85 21.79 -11.63
C ILE B 238 -2.65 22.58 -11.10
N VAL B 239 -1.58 22.69 -11.88
CA VAL B 239 -0.34 23.27 -11.43
C VAL B 239 -0.21 24.76 -11.80
N TYR B 240 -0.50 25.11 -13.05
CA TYR B 240 -0.37 26.48 -13.53
C TYR B 240 -1.50 27.41 -13.07
N GLY B 241 -2.71 26.88 -13.00
CA GLY B 241 -3.87 27.68 -12.61
C GLY B 241 -4.57 28.31 -13.80
N ASP B 242 -5.88 28.34 -13.75
CA ASP B 242 -6.71 28.95 -14.77
C ASP B 242 -7.28 30.21 -14.15
N PHE B 243 -6.85 31.38 -14.63
CA PHE B 243 -7.33 32.65 -14.09
C PHE B 243 -8.29 33.36 -15.02
N SER B 244 -8.93 32.61 -15.94
CA SER B 244 -9.82 33.20 -16.93
C SER B 244 -11.28 33.33 -16.47
N HIS B 245 -11.72 32.53 -15.48
CA HIS B 245 -13.11 32.63 -15.00
C HIS B 245 -13.22 33.22 -13.58
N SER B 246 -14.45 33.55 -13.14
CA SER B 246 -14.68 34.12 -11.81
C SER B 246 -14.14 33.19 -10.71
N GLN B 247 -14.28 31.87 -10.90
CA GLN B 247 -13.71 30.91 -9.98
C GLN B 247 -12.33 30.50 -10.53
N LEU B 248 -11.27 30.72 -9.71
CA LEU B 248 -9.88 30.38 -10.01
C LEU B 248 -9.82 28.86 -10.18
N GLY B 249 -9.32 28.42 -11.31
CA GLY B 249 -9.22 27.00 -11.62
C GLY B 249 -7.90 26.41 -11.22
N GLY B 250 -7.95 25.26 -10.56
CA GLY B 250 -6.76 24.53 -10.14
C GLY B 250 -5.91 25.26 -9.15
N LEU B 251 -4.58 25.31 -9.43
CA LEU B 251 -3.57 25.98 -8.60
C LEU B 251 -3.44 25.27 -7.23
N HIS B 252 -3.13 23.97 -7.26
CA HIS B 252 -3.05 23.17 -6.04
C HIS B 252 -1.62 22.80 -5.62
N LEU B 253 -0.61 23.14 -6.42
CA LEU B 253 0.78 22.86 -6.06
C LEU B 253 1.45 24.19 -5.71
N LEU B 254 2.20 24.26 -4.61
CA LEU B 254 2.88 25.49 -4.19
C LEU B 254 3.87 26.04 -5.23
N ILE B 255 4.51 25.18 -6.05
CA ILE B 255 5.43 25.66 -7.08
C ILE B 255 4.68 26.51 -8.13
N GLY B 256 3.45 26.14 -8.46
CA GLY B 256 2.63 26.87 -9.41
C GLY B 256 2.21 28.23 -8.87
N LEU B 257 1.90 28.29 -7.57
CA LEU B 257 1.56 29.52 -6.88
C LEU B 257 2.81 30.43 -6.88
N ALA B 258 4.01 29.85 -6.68
CA ALA B 258 5.25 30.60 -6.64
C ALA B 258 5.57 31.17 -8.01
N LYS B 259 5.32 30.40 -9.08
CA LYS B 259 5.58 30.86 -10.46
C LYS B 259 4.68 32.07 -10.77
N ARG B 260 3.38 31.97 -10.40
CA ARG B 260 2.35 32.98 -10.59
C ARG B 260 2.70 34.24 -9.80
N PHE B 261 3.16 34.06 -8.57
CA PHE B 261 3.52 35.13 -7.65
C PHE B 261 4.61 36.06 -8.17
N LYS B 262 5.55 35.50 -8.91
CA LYS B 262 6.68 36.22 -9.52
C LYS B 262 6.17 37.21 -10.58
N GLU B 263 5.10 36.85 -11.29
CA GLU B 263 4.51 37.72 -12.31
C GLU B 263 3.55 38.71 -11.64
N SER B 264 2.47 38.21 -11.03
CA SER B 264 1.49 39.07 -10.38
C SER B 264 1.15 38.58 -8.98
N PRO B 265 0.93 39.51 -8.04
CA PRO B 265 0.63 39.10 -6.67
C PRO B 265 -0.81 38.64 -6.47
N PHE B 266 -1.07 38.00 -5.34
CA PHE B 266 -2.41 37.54 -5.00
C PHE B 266 -2.56 37.40 -3.48
N GLU B 267 -3.80 37.46 -3.00
CA GLU B 267 -4.06 37.31 -1.58
C GLU B 267 -4.38 35.88 -1.29
N LEU B 268 -3.66 35.26 -0.34
CA LEU B 268 -3.95 33.91 0.13
C LEU B 268 -4.46 34.08 1.54
N GLU B 269 -5.73 33.82 1.80
CA GLU B 269 -6.27 33.90 3.14
C GLU B 269 -6.17 32.54 3.84
N ASP B 270 -5.28 32.43 4.81
CA ASP B 270 -5.08 31.25 5.62
C ASP B 270 -6.16 31.22 6.72
N PHE B 271 -7.39 30.79 6.38
CA PHE B 271 -8.51 30.81 7.31
C PHE B 271 -8.42 29.77 8.46
N ILE B 272 -7.59 28.73 8.32
CA ILE B 272 -7.33 27.79 9.43
C ILE B 272 -5.81 27.82 9.63
N PRO B 273 -5.28 28.80 10.38
CA PRO B 273 -3.83 28.93 10.52
C PRO B 273 -3.16 27.92 11.47
N MET B 274 -2.67 26.86 10.87
CA MET B 274 -2.02 25.77 11.56
C MET B 274 -1.09 25.04 10.59
N ASP B 275 -0.19 24.22 11.12
CA ASP B 275 0.71 23.45 10.29
C ASP B 275 -0.04 22.22 9.83
N SER B 276 -0.07 21.97 8.51
CA SER B 276 -0.72 20.78 7.99
C SER B 276 -0.22 20.43 6.59
N THR B 277 -0.21 19.12 6.27
CA THR B 277 0.27 18.56 5.00
C THR B 277 -0.39 19.25 3.81
N VAL B 278 -1.70 19.38 3.86
CA VAL B 278 -2.45 20.11 2.85
C VAL B 278 -2.98 21.41 3.49
N LYS B 279 -2.71 22.57 2.85
CA LYS B 279 -3.18 23.85 3.37
C LYS B 279 -4.38 24.36 2.57
N ASN B 280 -5.30 25.09 3.22
CA ASN B 280 -6.49 25.63 2.54
C ASN B 280 -6.48 27.13 2.55
N TYR B 281 -6.58 27.75 1.37
CA TYR B 281 -6.56 29.21 1.28
C TYR B 281 -7.71 29.77 0.52
N PHE B 282 -8.21 30.91 0.97
CA PHE B 282 -9.22 31.65 0.21
C PHE B 282 -8.35 32.54 -0.66
N ILE B 283 -8.14 32.18 -1.92
CA ILE B 283 -7.25 32.94 -2.80
C ILE B 283 -8.01 33.95 -3.67
N THR B 284 -7.43 35.16 -3.86
CA THR B 284 -7.98 36.17 -4.73
C THR B 284 -6.83 36.63 -5.59
N ASP B 285 -6.92 36.45 -6.91
CA ASP B 285 -5.86 36.87 -7.83
C ASP B 285 -6.01 38.36 -8.10
N ALA B 286 -5.02 39.19 -7.71
CA ALA B 286 -5.11 40.63 -7.85
C ALA B 286 -5.15 41.14 -9.30
N GLN B 287 -4.54 40.39 -10.22
CA GLN B 287 -4.50 40.79 -11.62
C GLN B 287 -5.82 40.60 -12.34
N THR B 288 -6.44 39.44 -12.17
CA THR B 288 -7.66 39.11 -12.91
C THR B 288 -8.96 39.23 -12.10
N GLY B 289 -8.87 39.09 -10.79
CA GLY B 289 -10.06 39.04 -9.95
C GLY B 289 -10.62 37.62 -9.88
N SER B 290 -9.87 36.63 -10.36
CA SER B 290 -10.25 35.23 -10.29
C SER B 290 -10.06 34.83 -8.81
N SER B 291 -11.04 34.14 -8.20
CA SER B 291 -10.90 33.77 -6.78
C SER B 291 -11.50 32.38 -6.45
N LYS B 292 -11.11 31.79 -5.32
CA LYS B 292 -11.62 30.51 -4.87
C LYS B 292 -11.62 30.51 -3.33
N CYS B 293 -12.76 30.20 -2.70
CA CYS B 293 -12.90 30.17 -1.23
C CYS B 293 -12.02 29.16 -0.58
N VAL B 294 -11.98 27.96 -1.12
CA VAL B 294 -11.18 26.89 -0.56
C VAL B 294 -10.28 26.36 -1.65
N CYS B 295 -9.05 26.86 -1.70
CA CYS B 295 -8.08 26.38 -2.66
C CYS B 295 -7.04 25.57 -1.91
N SER B 296 -7.14 24.24 -1.99
CA SER B 296 -6.21 23.37 -1.30
C SER B 296 -4.85 23.37 -2.00
N VAL B 297 -3.79 23.62 -1.25
CA VAL B 297 -2.44 23.71 -1.76
C VAL B 297 -1.57 22.73 -1.02
N ILE B 298 -0.78 21.99 -1.76
CA ILE B 298 0.17 21.05 -1.21
C ILE B 298 1.56 21.40 -1.78
N ASP B 299 2.61 21.29 -0.96
CA ASP B 299 3.95 21.56 -1.47
C ASP B 299 4.67 20.24 -1.67
N LEU B 300 4.49 19.64 -2.83
CA LEU B 300 5.20 18.42 -3.17
C LEU B 300 6.32 18.81 -4.11
N LEU B 301 7.40 18.01 -4.18
CA LEU B 301 8.45 18.21 -5.17
C LEU B 301 7.79 17.90 -6.52
N LEU B 302 7.91 18.76 -7.53
CA LEU B 302 7.18 18.57 -8.79
C LEU B 302 7.31 17.15 -9.37
N ASP B 303 8.48 16.51 -9.18
CA ASP B 303 8.77 15.15 -9.62
C ASP B 303 7.90 14.13 -8.90
N ASP B 304 7.69 14.34 -7.60
CA ASP B 304 6.84 13.48 -6.78
C ASP B 304 5.39 13.60 -7.19
N PHE B 305 4.93 14.82 -7.52
CA PHE B 305 3.57 15.07 -7.96
C PHE B 305 3.37 14.46 -9.36
N VAL B 306 4.36 14.60 -10.25
CA VAL B 306 4.32 14.02 -11.60
C VAL B 306 4.25 12.50 -11.47
N GLU B 307 5.04 11.89 -10.56
CA GLU B 307 5.01 10.46 -10.30
C GLU B 307 3.64 9.97 -9.79
N ILE B 308 3.02 10.73 -8.87
CA ILE B 308 1.69 10.41 -8.32
C ILE B 308 0.62 10.46 -9.41
N ILE B 309 0.57 11.54 -10.19
CA ILE B 309 -0.47 11.70 -11.21
C ILE B 309 -0.27 10.71 -12.37
N LYS B 310 0.99 10.41 -12.73
CA LYS B 310 1.26 9.45 -13.81
C LYS B 310 1.09 7.99 -13.39
N SER B 311 0.97 7.70 -12.09
CA SER B 311 0.73 6.35 -11.57
C SER B 311 -0.76 6.09 -11.32
N GLN B 312 -1.66 6.91 -11.89
CA GLN B 312 -3.09 6.78 -11.74
C GLN B 312 -3.78 6.23 -12.97
N ASP B 313 -4.85 5.48 -12.74
CA ASP B 313 -5.64 4.96 -13.83
C ASP B 313 -6.58 6.10 -14.23
N LEU B 314 -6.56 6.50 -15.51
CA LEU B 314 -7.36 7.62 -15.98
C LEU B 314 -8.64 7.20 -16.73
N SER B 315 -9.21 6.02 -16.41
CA SER B 315 -10.37 5.52 -17.13
C SER B 315 -11.74 5.80 -16.49
N VAL B 316 -11.78 6.35 -15.26
CA VAL B 316 -13.10 6.61 -14.64
C VAL B 316 -13.36 8.13 -14.50
N VAL B 317 -14.64 8.50 -14.39
CA VAL B 317 -15.02 9.91 -14.28
C VAL B 317 -14.50 10.57 -12.99
N SER B 318 -14.77 9.96 -11.83
CA SER B 318 -14.32 10.51 -10.55
C SER B 318 -14.01 9.43 -9.53
N LYS B 319 -12.90 9.59 -8.83
CA LYS B 319 -12.50 8.63 -7.79
C LYS B 319 -11.55 9.25 -6.79
N VAL B 320 -11.52 8.68 -5.58
CA VAL B 320 -10.62 9.13 -4.55
C VAL B 320 -9.29 8.42 -4.75
N VAL B 321 -8.19 9.17 -4.74
CA VAL B 321 -6.85 8.65 -4.88
C VAL B 321 -6.15 8.92 -3.58
N LYS B 322 -5.88 7.90 -2.80
CA LYS B 322 -5.21 8.04 -1.51
C LYS B 322 -3.67 7.95 -1.66
N VAL B 323 -2.94 8.96 -1.18
CA VAL B 323 -1.48 9.02 -1.27
C VAL B 323 -0.89 9.23 0.12
N THR B 324 0.14 8.47 0.50
CA THR B 324 0.79 8.69 1.81
C THR B 324 1.79 9.84 1.69
N ILE B 325 1.51 10.97 2.37
CA ILE B 325 2.34 12.15 2.40
C ILE B 325 2.49 12.55 3.85
N ASP B 326 3.75 12.70 4.32
CA ASP B 326 4.12 13.07 5.69
C ASP B 326 3.57 12.07 6.70
N TYR B 327 3.59 10.77 6.32
CA TYR B 327 3.11 9.61 7.09
C TYR B 327 1.59 9.52 7.18
N THR B 328 0.85 10.54 6.67
CA THR B 328 -0.61 10.50 6.70
C THR B 328 -1.20 10.17 5.35
N GLU B 329 -2.42 9.64 5.35
CA GLU B 329 -3.11 9.32 4.13
C GLU B 329 -3.85 10.56 3.62
N ILE B 330 -3.42 11.11 2.48
CA ILE B 330 -4.06 12.25 1.86
C ILE B 330 -4.93 11.79 0.71
N SER B 331 -6.22 12.05 0.81
CA SER B 331 -7.17 11.76 -0.24
C SER B 331 -7.15 12.88 -1.29
N PHE B 332 -7.10 12.48 -2.54
CA PHE B 332 -7.13 13.37 -3.68
C PHE B 332 -8.36 13.03 -4.46
N MET B 333 -8.82 13.97 -5.24
CA MET B 333 -9.95 13.77 -6.09
C MET B 333 -9.44 13.74 -7.51
N LEU B 334 -9.58 12.61 -8.21
CA LEU B 334 -9.13 12.51 -9.58
C LEU B 334 -10.33 12.51 -10.51
N TRP B 335 -10.38 13.50 -11.41
CA TRP B 335 -11.46 13.67 -12.38
C TRP B 335 -10.92 13.50 -13.77
N CYS B 336 -11.42 12.53 -14.52
CA CYS B 336 -10.96 12.26 -15.87
C CYS B 336 -12.09 12.36 -16.89
N LYS B 337 -11.75 12.34 -18.19
CA LYS B 337 -12.68 12.36 -19.31
C LYS B 337 -11.90 11.88 -20.53
N ASP B 338 -12.42 10.86 -21.24
CA ASP B 338 -11.82 10.28 -22.44
C ASP B 338 -10.33 9.91 -22.29
N GLY B 339 -9.97 9.40 -21.11
CA GLY B 339 -8.61 8.97 -20.82
C GLY B 339 -7.63 10.06 -20.41
N HIS B 340 -8.10 11.29 -20.30
CA HIS B 340 -7.25 12.40 -19.90
C HIS B 340 -7.69 13.00 -18.57
N VAL B 341 -6.74 13.56 -17.82
CA VAL B 341 -7.06 14.22 -16.55
C VAL B 341 -7.78 15.53 -16.84
N GLU B 342 -8.81 15.81 -16.07
CA GLU B 342 -9.55 17.06 -16.12
C GLU B 342 -9.04 17.86 -14.91
N THR B 343 -9.06 17.25 -13.72
CA THR B 343 -8.52 17.84 -12.50
C THR B 343 -8.03 16.74 -11.53
N PHE B 344 -7.16 17.12 -10.58
CA PHE B 344 -6.59 16.27 -9.55
C PHE B 344 -6.26 17.21 -8.43
N TYR B 345 -6.97 17.10 -7.29
CA TYR B 345 -6.78 18.04 -6.20
C TYR B 345 -6.86 17.39 -4.84
N PRO B 346 -6.10 17.89 -3.84
CA PRO B 346 -6.22 17.31 -2.49
C PRO B 346 -7.62 17.53 -1.95
N LYS B 347 -8.41 16.44 -1.90
CA LYS B 347 -9.82 16.34 -1.50
C LYS B 347 -10.19 17.17 -0.30
N LEU B 348 -11.15 18.08 -0.53
CA LEU B 348 -11.72 19.00 0.45
C LEU B 348 -12.81 18.20 1.22
N GLN B 349 -12.44 17.75 2.45
CA GLN B 349 -13.32 16.93 3.29
C GLN B 349 -13.79 17.71 4.55
#